data_4QYT
#
_entry.id   4QYT
#
_cell.length_a   44.507
_cell.length_b   51.913
_cell.length_c   82.705
_cell.angle_alpha   89.07
_cell.angle_beta   88.98
_cell.angle_gamma   66.83
#
_symmetry.space_group_name_H-M   'P 1'
#
loop_
_entity.id
_entity.type
_entity.pdbx_description
1 polymer 'Uncharacterized protein C22E12.03c'
2 non-polymer 1,2-ETHANEDIOL
3 non-polymer 'MAGNESIUM ION'
4 water water
#
_entity_poly.entity_id   1
_entity_poly.type   'polypeptide(L)'
_entity_poly.pdbx_seq_one_letter_code
;GSHMVKVCLFVADGTDEIEFSAPWGIFKRAEIPIDSVYVGENKDRLVKMSRDVEMYANRSYKEIPSADDFAKQYDIAIIP
GGGLGAKTLSTTPFVQQVVKEFYKKPNKWIGMI(CSD)AGTLTAKTSGLPNKQITGHPSVRGQLEEGGYKYLDQPVVLEE
NLITSQGPGTAMLFGLKLLEQVASKDKYNAVYKSLSMP
;
_entity_poly.pdbx_strand_id   A,B,C,D
#
loop_
_chem_comp.id
_chem_comp.type
_chem_comp.name
_chem_comp.formula
EDO non-polymer 1,2-ETHANEDIOL 'C2 H6 O2'
MG non-polymer 'MAGNESIUM ION' 'Mg 2'
#
# COMPACT_ATOMS: atom_id res chain seq x y z
N VAL A 5 5.62 -17.90 -15.81
CA VAL A 5 6.65 -18.14 -14.73
C VAL A 5 6.41 -17.10 -13.66
N LYS A 6 6.33 -17.53 -12.39
N LYS A 6 6.67 -17.50 -12.43
CA LYS A 6 6.26 -16.55 -11.31
CA LYS A 6 6.25 -16.72 -11.30
C LYS A 6 7.36 -16.84 -10.30
C LYS A 6 7.30 -16.86 -10.20
N VAL A 7 7.94 -15.76 -9.82
CA VAL A 7 9.10 -15.82 -8.92
C VAL A 7 8.74 -15.30 -7.54
N CYS A 8 9.27 -15.99 -6.53
CA CYS A 8 9.26 -15.52 -5.15
C CYS A 8 10.69 -15.17 -4.73
N LEU A 9 10.89 -13.92 -4.35
CA LEU A 9 12.16 -13.49 -3.74
C LEU A 9 11.88 -13.37 -2.23
N PHE A 10 12.40 -14.36 -1.48
CA PHE A 10 12.25 -14.28 -0.04
C PHE A 10 13.08 -13.12 0.50
N VAL A 11 12.62 -12.59 1.64
N VAL A 11 12.54 -12.50 1.55
CA VAL A 11 13.29 -11.47 2.28
CA VAL A 11 13.27 -11.47 2.30
C VAL A 11 12.98 -11.53 3.77
C VAL A 11 13.01 -11.63 3.79
N ALA A 12 13.95 -11.14 4.59
CA ALA A 12 13.80 -11.12 6.03
C ALA A 12 14.47 -9.85 6.53
N ASP A 13 14.22 -9.49 7.79
CA ASP A 13 15.09 -8.49 8.41
C ASP A 13 16.53 -8.98 8.32
N GLY A 14 17.42 -8.10 7.88
CA GLY A 14 18.80 -8.51 7.72
C GLY A 14 19.16 -9.02 6.33
N THR A 15 18.22 -9.03 5.37
CA THR A 15 18.57 -9.43 4.01
C THR A 15 19.44 -8.36 3.35
N ASP A 16 20.43 -8.81 2.60
CA ASP A 16 21.31 -7.89 1.88
C ASP A 16 20.60 -7.16 0.74
N GLU A 17 20.79 -5.85 0.71
CA GLU A 17 20.15 -5.01 -0.31
C GLU A 17 20.63 -5.34 -1.73
N ILE A 18 21.92 -5.57 -1.90
CA ILE A 18 22.47 -5.81 -3.22
C ILE A 18 21.95 -7.14 -3.79
N GLU A 19 21.98 -8.16 -2.94
CA GLU A 19 21.56 -9.50 -3.36
C GLU A 19 20.06 -9.58 -3.60
N PHE A 20 19.28 -8.77 -2.88
N PHE A 20 19.26 -8.75 -2.94
CA PHE A 20 17.85 -8.63 -3.18
CA PHE A 20 17.83 -8.66 -3.25
C PHE A 20 17.64 -7.93 -4.52
C PHE A 20 17.66 -7.95 -4.60
N SER A 21 18.29 -6.76 -4.71
N SER A 21 18.40 -6.85 -4.75
CA SER A 21 17.94 -5.91 -5.86
CA SER A 21 18.12 -5.88 -5.80
C SER A 21 18.31 -6.49 -7.22
C SER A 21 18.34 -6.48 -7.17
N ALA A 22 19.41 -7.25 -7.30
CA ALA A 22 19.82 -7.74 -8.61
C ALA A 22 18.79 -8.70 -9.23
N PRO A 23 18.45 -9.83 -8.58
CA PRO A 23 17.40 -10.68 -9.16
C PRO A 23 16.10 -9.93 -9.34
N TRP A 24 15.74 -9.07 -8.38
CA TRP A 24 14.50 -8.29 -8.50
C TRP A 24 14.46 -7.51 -9.81
N GLY A 25 15.52 -6.73 -10.04
CA GLY A 25 15.56 -5.88 -11.20
C GLY A 25 15.67 -6.64 -12.51
N ILE A 26 16.34 -7.78 -12.47
CA ILE A 26 16.50 -8.60 -13.69
C ILE A 26 15.17 -9.22 -14.09
N PHE A 27 14.45 -9.83 -13.13
CA PHE A 27 13.15 -10.41 -13.47
C PHE A 27 12.13 -9.34 -13.84
N LYS A 28 12.15 -8.17 -13.20
CA LYS A 28 11.25 -7.10 -13.62
C LYS A 28 11.55 -6.68 -15.06
N ARG A 29 12.82 -6.56 -15.43
CA ARG A 29 13.15 -6.22 -16.81
C ARG A 29 12.65 -7.27 -17.79
N ALA A 30 12.71 -8.54 -17.39
CA ALA A 30 12.21 -9.65 -18.18
C ALA A 30 10.72 -9.73 -18.28
N GLU A 31 10.02 -8.88 -17.55
CA GLU A 31 8.55 -8.90 -17.46
C GLU A 31 8.06 -10.28 -17.02
N ILE A 32 8.78 -10.85 -16.03
CA ILE A 32 8.39 -12.05 -15.35
C ILE A 32 7.87 -11.70 -13.99
N PRO A 33 6.62 -12.05 -13.65
CA PRO A 33 6.08 -11.69 -12.34
C PRO A 33 6.97 -12.12 -11.19
N ILE A 34 7.12 -11.23 -10.21
CA ILE A 34 7.95 -11.48 -9.05
C ILE A 34 7.35 -10.78 -7.85
N ASP A 35 7.26 -11.53 -6.73
CA ASP A 35 6.83 -10.99 -5.46
C ASP A 35 7.98 -11.10 -4.47
N SER A 36 8.09 -10.12 -3.57
CA SER A 36 8.91 -10.28 -2.39
C SER A 36 8.04 -10.82 -1.27
N VAL A 37 8.55 -11.85 -0.61
CA VAL A 37 7.81 -12.57 0.43
C VAL A 37 8.61 -12.56 1.71
N TYR A 38 8.09 -11.82 2.70
CA TYR A 38 8.77 -11.54 3.95
C TYR A 38 8.53 -12.62 4.98
N VAL A 39 9.61 -13.00 5.64
CA VAL A 39 9.60 -13.88 6.77
C VAL A 39 10.11 -13.07 7.96
N GLY A 40 9.22 -12.75 8.89
CA GLY A 40 9.61 -11.96 10.04
C GLY A 40 8.44 -11.55 10.91
N GLU A 41 8.74 -10.67 11.88
CA GLU A 41 7.77 -10.28 12.90
C GLU A 41 6.95 -9.06 12.52
N ASN A 42 7.46 -8.22 11.64
CA ASN A 42 6.82 -6.95 11.38
C ASN A 42 5.44 -7.15 10.70
N LYS A 43 4.41 -6.61 11.32
CA LYS A 43 3.06 -6.85 10.83
C LYS A 43 2.67 -6.02 9.61
N ASP A 44 3.49 -5.04 9.27
CA ASP A 44 3.21 -4.12 8.18
C ASP A 44 4.04 -4.46 6.93
N ARG A 45 4.81 -5.52 7.05
N ARG A 45 4.71 -5.60 6.95
CA ARG A 45 5.72 -5.99 6.01
CA ARG A 45 5.64 -5.97 5.88
C ARG A 45 6.82 -4.99 5.73
C ARG A 45 6.84 -5.01 5.72
N LEU A 46 7.16 -4.24 6.76
N LEU A 46 7.11 -4.17 6.72
CA LEU A 46 8.27 -3.32 6.67
CA LEU A 46 8.25 -3.25 6.62
C LEU A 46 9.52 -4.05 7.12
C LEU A 46 9.51 -3.99 7.10
N VAL A 47 10.49 -4.12 6.21
CA VAL A 47 11.71 -4.89 6.43
C VAL A 47 12.87 -3.95 6.67
N LYS A 48 13.66 -4.24 7.70
CA LYS A 48 14.94 -3.55 7.93
C LYS A 48 16.04 -4.42 7.34
N MET A 49 16.50 -4.03 6.15
N MET A 49 16.63 -3.93 6.27
CA MET A 49 17.53 -4.78 5.45
CA MET A 49 17.57 -4.72 5.50
C MET A 49 18.87 -4.77 6.21
C MET A 49 18.98 -4.61 6.08
N SER A 50 19.81 -5.58 5.71
CA SER A 50 21.13 -5.77 6.32
C SER A 50 21.87 -4.46 6.60
N ARG A 51 21.87 -3.59 5.60
CA ARG A 51 22.59 -2.30 5.68
C ARG A 51 21.62 -1.13 5.85
N ASP A 52 20.49 -1.40 6.51
CA ASP A 52 19.60 -0.40 7.08
C ASP A 52 18.62 0.25 6.11
N VAL A 53 18.50 -0.21 4.89
CA VAL A 53 17.36 0.22 4.08
C VAL A 53 16.07 -0.31 4.70
N GLU A 54 15.05 0.54 4.74
CA GLU A 54 13.72 0.11 5.14
C GLU A 54 12.80 0.07 3.94
N MET A 55 12.38 -1.17 3.61
N MET A 55 12.27 -1.11 3.68
CA MET A 55 11.63 -1.54 2.37
CA MET A 55 11.44 -1.21 2.53
C MET A 55 10.33 -2.30 2.73
C MET A 55 10.35 -2.16 2.85
N TYR A 56 9.20 -2.05 2.01
N TYR A 56 9.30 -2.01 2.08
CA TYR A 56 7.98 -2.91 2.13
CA TYR A 56 8.19 -2.91 2.25
C TYR A 56 8.06 -4.11 1.23
C TYR A 56 8.32 -4.12 1.34
N ALA A 57 7.87 -5.26 1.83
CA ALA A 57 7.72 -6.46 1.03
C ALA A 57 6.32 -6.49 0.48
N ASN A 58 6.14 -7.20 -0.64
CA ASN A 58 4.80 -7.34 -1.21
C ASN A 58 3.85 -8.18 -0.38
N ARG A 59 4.40 -9.24 0.22
CA ARG A 59 3.64 -10.27 0.93
C ARG A 59 4.37 -10.65 2.20
N SER A 60 3.62 -11.19 3.15
CA SER A 60 4.16 -12.00 4.22
C SER A 60 4.00 -13.46 3.87
N TYR A 61 4.97 -14.29 4.26
CA TYR A 61 4.84 -15.72 4.04
C TYR A 61 3.63 -16.30 4.77
N LYS A 62 3.16 -15.62 5.81
CA LYS A 62 2.02 -16.11 6.57
C LYS A 62 0.74 -16.13 5.75
N GLU A 63 0.76 -15.45 4.62
CA GLU A 63 -0.35 -15.46 3.66
C GLU A 63 -0.48 -16.77 2.91
N ILE A 64 0.54 -17.61 2.94
CA ILE A 64 0.62 -18.80 2.11
C ILE A 64 0.51 -20.01 3.02
N PRO A 65 -0.56 -20.83 2.88
CA PRO A 65 -0.89 -21.74 3.97
C PRO A 65 0.01 -22.93 4.08
N SER A 66 0.76 -23.29 3.04
CA SER A 66 1.65 -24.45 3.08
C SER A 66 2.65 -24.35 1.93
N ALA A 67 3.67 -25.20 2.01
CA ALA A 67 4.62 -25.32 0.91
C ALA A 67 3.97 -25.82 -0.37
N ASP A 68 3.02 -26.77 -0.24
CA ASP A 68 2.30 -27.21 -1.43
C ASP A 68 1.54 -26.03 -2.05
N ASP A 69 0.95 -25.15 -1.22
CA ASP A 69 0.26 -24.00 -1.78
C ASP A 69 1.23 -23.04 -2.46
N PHE A 70 2.40 -22.87 -1.83
CA PHE A 70 3.47 -22.09 -2.42
C PHE A 70 3.82 -22.59 -3.80
N ALA A 71 3.94 -23.91 -3.94
CA ALA A 71 4.28 -24.50 -5.20
C ALA A 71 3.21 -24.36 -6.27
N LYS A 72 1.98 -24.14 -5.83
CA LYS A 72 0.90 -23.80 -6.76
C LYS A 72 0.96 -22.36 -7.26
N GLN A 73 1.69 -21.50 -6.57
CA GLN A 73 1.77 -20.08 -6.86
C GLN A 73 3.06 -19.66 -7.54
N TYR A 74 4.17 -20.31 -7.24
CA TYR A 74 5.49 -19.87 -7.66
C TYR A 74 6.25 -21.01 -8.30
N ASP A 75 7.11 -20.65 -9.26
CA ASP A 75 7.99 -21.59 -9.94
C ASP A 75 9.45 -21.45 -9.55
N ILE A 76 9.85 -20.29 -9.06
CA ILE A 76 11.23 -20.04 -8.68
C ILE A 76 11.19 -19.47 -7.25
N ALA A 77 12.08 -20.01 -6.42
CA ALA A 77 12.27 -19.51 -5.06
C ALA A 77 13.69 -19.02 -4.91
N ILE A 78 13.86 -17.78 -4.47
CA ILE A 78 15.20 -17.18 -4.34
C ILE A 78 15.40 -16.80 -2.87
N ILE A 79 16.60 -17.16 -2.40
N ILE A 79 16.52 -17.29 -2.30
CA ILE A 79 17.02 -16.93 -1.03
CA ILE A 79 16.91 -16.99 -0.92
C ILE A 79 18.27 -16.09 -1.09
C ILE A 79 18.20 -16.16 -0.93
N PRO A 80 18.13 -14.82 -0.75
CA PRO A 80 19.29 -13.94 -0.72
C PRO A 80 20.05 -14.08 0.60
N GLY A 81 21.21 -13.41 0.66
CA GLY A 81 22.06 -13.45 1.85
C GLY A 81 21.97 -12.21 2.71
N GLY A 82 23.12 -11.84 3.26
CA GLY A 82 23.14 -11.01 4.46
C GLY A 82 23.11 -11.91 5.68
N GLY A 83 23.95 -11.66 6.69
CA GLY A 83 24.10 -12.64 7.76
C GLY A 83 22.79 -12.92 8.50
N LEU A 84 22.14 -11.86 8.97
CA LEU A 84 20.93 -12.04 9.75
C LEU A 84 19.81 -12.58 8.86
N GLY A 85 19.62 -12.00 7.68
CA GLY A 85 18.55 -12.45 6.81
C GLY A 85 18.66 -13.92 6.47
N ALA A 86 19.88 -14.35 6.15
CA ALA A 86 20.11 -15.75 5.82
C ALA A 86 19.89 -16.63 7.05
N LYS A 87 20.31 -16.19 8.25
CA LYS A 87 20.08 -16.97 9.45
C LYS A 87 18.58 -17.23 9.58
N THR A 88 17.80 -16.18 9.44
CA THR A 88 16.35 -16.35 9.58
C THR A 88 15.78 -17.24 8.50
N LEU A 89 16.09 -16.94 7.23
CA LEU A 89 15.46 -17.72 6.15
C LEU A 89 15.87 -19.18 6.21
N SER A 90 17.15 -19.44 6.42
CA SER A 90 17.68 -20.79 6.39
C SER A 90 17.09 -21.64 7.53
N THR A 91 16.62 -21.02 8.61
CA THR A 91 16.12 -21.73 9.77
C THR A 91 14.61 -21.62 9.87
N THR A 92 13.96 -21.27 8.77
CA THR A 92 12.49 -21.25 8.74
C THR A 92 11.99 -22.50 8.06
N PRO A 93 11.22 -23.37 8.73
CA PRO A 93 10.77 -24.59 8.05
C PRO A 93 10.05 -24.35 6.75
N PHE A 94 9.20 -23.31 6.68
CA PHE A 94 8.49 -23.05 5.42
C PHE A 94 9.47 -22.93 4.24
N VAL A 95 10.53 -22.15 4.44
CA VAL A 95 11.53 -21.97 3.39
C VAL A 95 12.21 -23.28 3.02
N GLN A 96 12.59 -24.03 4.05
CA GLN A 96 13.21 -25.33 3.84
C GLN A 96 12.27 -26.28 3.06
N GLN A 97 11.00 -26.29 3.45
CA GLN A 97 10.00 -27.14 2.81
C GLN A 97 9.83 -26.79 1.34
N VAL A 98 9.82 -25.49 1.02
CA VAL A 98 9.74 -25.08 -0.37
C VAL A 98 10.96 -25.57 -1.12
N VAL A 99 12.15 -25.34 -0.56
CA VAL A 99 13.36 -25.79 -1.25
C VAL A 99 13.37 -27.31 -1.50
N LYS A 100 13.00 -28.07 -0.49
CA LYS A 100 12.94 -29.51 -0.64
C LYS A 100 11.92 -29.94 -1.67
N GLU A 101 10.76 -29.29 -1.68
CA GLU A 101 9.76 -29.62 -2.66
C GLU A 101 10.22 -29.30 -4.07
N PHE A 102 10.89 -28.16 -4.23
CA PHE A 102 11.28 -27.73 -5.55
C PHE A 102 12.45 -28.51 -6.12
N TYR A 103 13.33 -29.04 -5.25
CA TYR A 103 14.60 -29.60 -5.72
C TYR A 103 14.32 -30.77 -6.66
N LYS A 104 14.97 -30.72 -7.82
CA LYS A 104 14.85 -31.74 -8.87
C LYS A 104 13.45 -31.86 -9.44
N LYS A 105 12.59 -30.89 -9.26
N LYS A 105 12.53 -30.93 -9.22
CA LYS A 105 11.33 -30.91 -9.93
CA LYS A 105 11.16 -30.97 -9.79
C LYS A 105 11.48 -30.30 -11.31
C LYS A 105 11.07 -30.18 -11.11
N PRO A 106 10.68 -30.83 -12.23
CA PRO A 106 10.69 -30.18 -13.54
C PRO A 106 10.02 -28.82 -13.47
N ASN A 107 10.65 -27.85 -14.11
CA ASN A 107 10.13 -26.51 -14.24
C ASN A 107 9.93 -25.78 -12.91
N LYS A 108 10.68 -26.19 -11.89
CA LYS A 108 10.91 -25.38 -10.68
C LYS A 108 12.39 -25.06 -10.62
N TRP A 109 12.75 -23.91 -10.04
N TRP A 109 12.74 -24.00 -9.89
CA TRP A 109 14.15 -23.63 -9.75
CA TRP A 109 14.14 -23.54 -9.81
C TRP A 109 14.28 -23.04 -8.35
C TRP A 109 14.32 -22.89 -8.43
N ILE A 110 15.53 -23.11 -7.88
CA ILE A 110 15.90 -22.53 -6.57
C ILE A 110 17.17 -21.74 -6.77
N GLY A 111 17.22 -20.52 -6.22
CA GLY A 111 18.46 -19.78 -6.16
C GLY A 111 18.82 -19.45 -4.73
N MET A 112 20.11 -19.55 -4.41
CA MET A 112 20.59 -19.10 -3.08
C MET A 112 21.89 -18.34 -3.26
N ILE A 113 22.03 -17.20 -2.60
CA ILE A 113 23.30 -16.44 -2.72
C ILE A 113 23.91 -16.10 -1.37
N CSD A 114 25.26 -16.08 -1.25
CA CSD A 114 26.00 -15.66 -0.03
CB CSD A 114 25.88 -14.13 0.20
SG CSD A 114 26.70 -13.25 1.43
C CSD A 114 25.67 -16.60 1.14
O CSD A 114 25.68 -17.80 0.97
OD1 CSD A 114 26.74 -11.83 0.98
OD2 CSD A 114 25.60 -13.30 2.50
N ALA A 115 25.30 -16.06 2.29
CA ALA A 115 24.96 -16.89 3.43
C ALA A 115 23.61 -17.60 3.21
N GLY A 116 22.91 -17.22 2.13
N GLY A 116 22.72 -17.07 2.37
CA GLY A 116 21.67 -17.86 1.76
CA GLY A 116 21.47 -17.77 2.09
C GLY A 116 21.90 -19.28 1.30
C GLY A 116 21.65 -19.23 1.72
N THR A 117 23.09 -19.53 0.75
N THR A 117 22.85 -19.58 1.26
CA THR A 117 23.49 -20.88 0.35
CA THR A 117 23.19 -20.93 0.85
C THR A 117 23.51 -21.88 1.50
C THR A 117 23.16 -21.92 2.01
N LEU A 118 23.56 -21.41 2.74
N LEU A 118 23.18 -21.43 3.25
CA LEU A 118 23.43 -22.31 3.88
CA LEU A 118 23.01 -22.29 4.43
C LEU A 118 22.06 -23.04 3.88
C LEU A 118 21.70 -23.06 4.38
N THR A 119 21.10 -22.49 3.15
N THR A 119 20.76 -22.53 3.60
CA THR A 119 19.79 -23.14 3.06
CA THR A 119 19.43 -23.15 3.52
C THR A 119 19.87 -24.51 2.40
C THR A 119 19.48 -24.51 2.86
N ALA A 120 20.90 -24.72 1.57
N ALA A 120 20.49 -24.75 2.04
CA ALA A 120 21.07 -26.05 0.98
CA ALA A 120 20.66 -26.09 1.46
C ALA A 120 21.40 -27.06 2.07
C ALA A 120 20.92 -27.10 2.58
N LYS A 121 22.25 -26.64 3.01
N LYS A 121 21.72 -26.69 3.57
CA LYS A 121 22.70 -27.51 4.10
CA LYS A 121 22.05 -27.56 4.71
C LYS A 121 21.59 -27.78 5.12
C LYS A 121 20.88 -27.75 5.68
N THR A 122 20.81 -26.77 5.49
N THR A 122 20.21 -26.66 6.05
CA THR A 122 19.79 -26.95 6.54
CA THR A 122 19.11 -26.77 7.01
C THR A 122 18.56 -27.74 6.07
C THR A 122 17.94 -27.54 6.38
N SER A 123 18.25 -27.61 4.79
N SER A 123 18.02 -27.69 5.07
CA SER A 123 17.12 -28.32 4.18
CA SER A 123 16.99 -28.42 4.32
C SER A 123 17.43 -29.78 3.88
C SER A 123 17.47 -29.75 3.70
N GLY A 124 18.71 -30.14 4.01
CA GLY A 124 19.23 -31.45 3.62
C GLY A 124 19.29 -31.74 2.12
N LEU A 125 19.57 -30.73 1.29
CA LEU A 125 19.69 -30.97 -0.16
C LEU A 125 20.91 -31.83 -0.51
N PRO A 126 20.75 -32.77 -1.45
CA PRO A 126 21.79 -33.76 -1.69
C PRO A 126 22.63 -33.43 -2.92
N ASN A 127 22.61 -32.18 -3.36
CA ASN A 127 23.56 -31.76 -4.38
C ASN A 127 25.01 -32.06 -3.92
N LYS A 128 25.89 -32.27 -4.89
CA LYS A 128 27.26 -32.57 -4.57
C LYS A 128 28.12 -31.33 -4.43
N GLN A 129 27.87 -30.37 -5.30
CA GLN A 129 28.69 -29.16 -5.37
C GLN A 129 27.87 -27.92 -5.02
N ILE A 130 28.56 -26.85 -4.61
CA ILE A 130 27.89 -25.64 -4.16
C ILE A 130 28.91 -24.52 -4.21
N THR A 131 28.42 -23.30 -4.22
CA THR A 131 29.25 -22.20 -3.77
C THR A 131 28.48 -21.34 -2.80
N GLY A 132 29.15 -20.34 -2.27
CA GLY A 132 28.54 -19.42 -1.33
C GLY A 132 29.62 -18.45 -0.93
N HIS A 133 29.33 -17.62 0.06
CA HIS A 133 30.29 -16.58 0.42
C HIS A 133 31.51 -17.28 1.05
N PRO A 134 32.73 -16.83 0.67
N PRO A 134 32.54 -16.51 1.31
CA PRO A 134 33.94 -17.42 1.27
CA PRO A 134 33.54 -17.18 2.17
C PRO A 134 33.86 -17.54 2.79
C PRO A 134 33.14 -17.42 3.65
N SER A 135 33.14 -16.62 3.42
N SER A 135 32.39 -16.48 4.25
CA SER A 135 32.92 -16.66 4.86
CA SER A 135 32.07 -16.48 5.68
C SER A 135 32.11 -17.86 5.31
C SER A 135 31.26 -17.69 6.19
N VAL A 136 31.37 -18.47 4.40
N VAL A 136 30.50 -18.33 5.31
CA VAL A 136 30.62 -19.68 4.72
CA VAL A 136 29.70 -19.50 5.71
C VAL A 136 31.15 -20.91 4.02
C VAL A 136 30.27 -20.78 5.12
N ARG A 137 32.32 -20.80 3.39
N ARG A 137 31.47 -20.71 4.54
CA ARG A 137 32.86 -21.95 2.64
CA ARG A 137 32.04 -21.88 3.87
C ARG A 137 33.05 -23.15 3.58
C ARG A 137 32.20 -23.05 4.84
N GLY A 138 33.72 -22.94 4.70
N GLY A 138 32.82 -22.78 5.98
CA GLY A 138 33.96 -24.04 5.64
CA GLY A 138 32.95 -23.78 7.05
C GLY A 138 32.65 -24.69 6.04
C GLY A 138 31.63 -24.51 7.26
N GLN A 139 31.65 -23.89 6.39
N GLN A 139 30.58 -23.76 7.53
CA GLN A 139 30.35 -24.44 6.80
CA GLN A 139 29.28 -24.35 7.85
C GLN A 139 29.74 -25.27 5.69
C GLN A 139 28.73 -25.20 6.70
N LEU A 140 29.81 -24.78 4.46
N LEU A 140 28.93 -24.76 5.47
CA LEU A 140 29.35 -25.54 3.30
CA LEU A 140 28.50 -25.54 4.31
C LEU A 140 30.11 -26.85 3.18
C LEU A 140 29.31 -26.82 4.20
N GLU A 141 31.44 -26.78 3.17
N GLU A 141 30.63 -26.75 4.40
CA GLU A 141 32.24 -28.00 3.01
CA GLU A 141 31.48 -27.92 4.26
C GLU A 141 32.11 -28.99 4.17
C GLU A 141 31.21 -28.93 5.37
N GLU A 142 31.90 -28.46 5.36
N GLU A 142 30.78 -28.42 6.52
CA GLU A 142 31.44 -29.23 6.51
CA GLU A 142 30.37 -29.26 7.64
C GLU A 142 30.26 -30.14 6.15
C GLU A 142 29.10 -30.06 7.35
N GLY A 143 29.32 -29.61 5.37
N GLY A 143 28.27 -29.55 6.45
CA GLY A 143 28.08 -30.30 5.07
CA GLY A 143 27.09 -30.26 5.96
C GLY A 143 28.27 -31.29 3.93
C GLY A 143 27.38 -31.29 4.88
N GLY A 144 29.52 -31.49 3.51
N GLY A 144 28.65 -31.40 4.49
CA GLY A 144 29.83 -32.47 2.49
CA GLY A 144 29.07 -32.43 3.54
C GLY A 144 29.80 -31.94 1.06
C GLY A 144 29.20 -32.00 2.08
N TYR A 145 29.41 -30.67 0.86
N TYR A 145 29.04 -30.71 1.79
CA TYR A 145 29.46 -30.12 -0.49
CA TYR A 145 29.09 -30.25 0.40
C TYR A 145 30.90 -29.88 -0.91
C TYR A 145 30.50 -30.05 -0.13
N LYS A 146 31.16 -30.04 -2.20
N LYS A 146 30.67 -30.18 -1.43
CA LYS A 146 32.42 -29.59 -2.77
CA LYS A 146 31.92 -29.75 -2.09
C LYS A 146 32.30 -28.16 -3.24
C LYS A 146 31.82 -28.27 -2.50
N TYR A 147 33.05 -27.28 -2.58
N TYR A 147 32.63 -27.44 -1.86
CA TYR A 147 32.96 -25.86 -2.87
CA TYR A 147 32.56 -26.02 -2.10
C TYR A 147 33.70 -25.55 -4.16
C TYR A 147 33.46 -25.67 -3.28
N LEU A 148 33.04 -24.81 -5.04
N LEU A 148 32.85 -25.02 -4.26
CA LEU A 148 33.66 -24.27 -6.24
CA LEU A 148 33.56 -24.53 -5.43
C LEU A 148 33.88 -22.76 -6.16
C LEU A 148 33.75 -23.02 -5.33
N ASP A 149 35.13 -22.34 -6.25
N ASP A 149 35.02 -22.58 -5.37
CA ASP A 149 35.42 -20.91 -6.19
CA ASP A 149 35.28 -21.15 -5.35
C ASP A 149 35.20 -20.28 -7.56
C ASP A 149 35.09 -20.54 -6.73
N GLN A 150 33.92 -20.17 -7.94
N GLN A 150 33.83 -20.20 -7.04
CA GLN A 150 33.53 -19.44 -9.14
CA GLN A 150 33.52 -19.62 -8.33
C GLN A 150 32.26 -18.67 -8.77
C GLN A 150 32.19 -18.88 -8.17
N PRO A 151 31.89 -17.68 -9.59
N PRO A 151 31.87 -17.98 -9.10
CA PRO A 151 30.81 -16.79 -9.16
CA PRO A 151 30.76 -17.10 -8.79
C PRO A 151 29.45 -17.47 -8.96
C PRO A 151 29.42 -17.79 -8.70
N VAL A 152 29.26 -18.58 -9.67
N VAL A 152 29.10 -18.58 -9.73
CA VAL A 152 27.96 -19.22 -9.72
CA VAL A 152 27.79 -19.20 -9.86
C VAL A 152 28.13 -20.70 -9.98
C VAL A 152 27.97 -20.68 -10.14
N VAL A 153 27.27 -21.49 -9.36
CA VAL A 153 27.24 -22.94 -9.56
C VAL A 153 25.78 -23.32 -9.84
N LEU A 154 25.60 -24.17 -10.85
CA LEU A 154 24.32 -24.77 -11.11
C LEU A 154 24.44 -26.30 -11.04
N GLU A 155 23.60 -26.92 -10.21
CA GLU A 155 23.54 -28.38 -10.14
C GLU A 155 22.08 -28.72 -10.04
N GLU A 156 21.61 -29.63 -10.90
CA GLU A 156 20.19 -29.87 -11.03
C GLU A 156 19.47 -28.56 -11.26
N ASN A 157 18.49 -28.20 -10.43
CA ASN A 157 17.78 -26.91 -10.57
C ASN A 157 18.08 -25.97 -9.42
N LEU A 158 19.28 -26.12 -8.85
CA LEU A 158 19.77 -25.27 -7.75
C LEU A 158 20.91 -24.40 -8.28
N ILE A 159 20.70 -23.10 -8.20
N ILE A 159 20.76 -23.08 -8.18
CA ILE A 159 21.71 -22.12 -8.52
CA ILE A 159 21.82 -22.15 -8.58
C ILE A 159 22.22 -21.56 -7.18
C ILE A 159 22.29 -21.32 -7.38
N THR A 160 23.54 -21.57 -7.00
CA THR A 160 24.16 -20.91 -5.84
C THR A 160 25.24 -19.94 -6.30
N SER A 161 25.49 -18.92 -5.48
CA SER A 161 26.40 -17.85 -5.85
C SER A 161 27.02 -17.20 -4.62
N GLN A 162 28.11 -16.47 -4.83
CA GLN A 162 29.02 -16.13 -3.75
C GLN A 162 28.67 -14.90 -2.93
N GLY A 163 28.31 -13.77 -3.53
CA GLY A 163 28.27 -12.54 -2.76
C GLY A 163 27.69 -11.38 -3.49
N PRO A 164 27.76 -10.20 -2.88
CA PRO A 164 27.16 -9.05 -3.54
C PRO A 164 27.73 -8.82 -4.91
N GLY A 165 29.02 -9.05 -5.09
CA GLY A 165 29.63 -8.86 -6.40
C GLY A 165 29.16 -9.81 -7.47
N THR A 166 28.55 -10.94 -7.08
CA THR A 166 28.07 -11.92 -8.05
C THR A 166 26.55 -11.92 -8.16
N ALA A 167 25.87 -10.93 -7.55
CA ALA A 167 24.41 -10.94 -7.55
C ALA A 167 23.83 -10.78 -8.95
N MET A 168 24.46 -9.96 -9.78
CA MET A 168 23.97 -9.83 -11.15
C MET A 168 24.15 -11.12 -11.96
N LEU A 169 25.33 -11.74 -11.84
CA LEU A 169 25.54 -13.04 -12.49
C LEU A 169 24.57 -14.10 -12.01
N PHE A 170 24.26 -14.08 -10.73
CA PHE A 170 23.29 -14.97 -10.12
C PHE A 170 21.89 -14.77 -10.68
N GLY A 171 21.42 -13.52 -10.70
CA GLY A 171 20.10 -13.24 -11.28
C GLY A 171 20.00 -13.67 -12.72
N LEU A 172 21.08 -13.40 -13.46
CA LEU A 172 21.11 -13.78 -14.86
C LEU A 172 21.06 -15.31 -15.02
N LYS A 173 21.80 -16.04 -14.20
N LYS A 173 21.73 -16.06 -14.15
CA LYS A 173 21.79 -17.50 -14.30
CA LYS A 173 21.78 -17.52 -14.32
C LYS A 173 20.37 -18.03 -14.10
C LYS A 173 20.43 -18.16 -13.96
N LEU A 174 19.66 -17.48 -13.11
CA LEU A 174 18.25 -17.86 -12.90
C LEU A 174 17.41 -17.57 -14.12
N LEU A 175 17.52 -16.35 -14.63
CA LEU A 175 16.75 -15.95 -15.78
C LEU A 175 17.01 -16.85 -17.00
N GLU A 176 18.28 -17.22 -17.18
CA GLU A 176 18.69 -18.04 -18.31
C GLU A 176 17.97 -19.37 -18.33
N GLN A 177 17.56 -19.88 -17.17
CA GLN A 177 16.88 -21.18 -17.15
C GLN A 177 15.47 -21.12 -17.66
N VAL A 178 14.84 -19.94 -17.61
CA VAL A 178 13.40 -19.81 -17.82
C VAL A 178 12.99 -18.92 -18.97
N ALA A 179 13.91 -18.10 -19.46
CA ALA A 179 13.68 -17.20 -20.57
C ALA A 179 14.11 -17.86 -21.86
N SER A 180 13.45 -17.48 -22.95
CA SER A 180 13.99 -17.81 -24.27
C SER A 180 15.37 -17.16 -24.41
N LYS A 181 16.19 -17.71 -25.32
CA LYS A 181 17.49 -17.13 -25.62
C LYS A 181 17.30 -15.69 -26.09
N ASP A 182 16.27 -15.47 -26.90
CA ASP A 182 15.99 -14.14 -27.40
C ASP A 182 15.70 -13.13 -26.28
N LYS A 183 14.88 -13.52 -25.32
N LYS A 183 14.83 -13.49 -25.34
CA LYS A 183 14.56 -12.64 -24.20
CA LYS A 183 14.54 -12.63 -24.18
C LYS A 183 15.76 -12.47 -23.28
C LYS A 183 15.76 -12.45 -23.30
N TYR A 184 16.43 -13.56 -22.98
CA TYR A 184 17.64 -13.50 -22.18
C TYR A 184 18.63 -12.50 -22.76
N ASN A 185 18.85 -12.60 -24.06
CA ASN A 185 19.88 -11.77 -24.68
C ASN A 185 19.52 -10.29 -24.62
N ALA A 186 18.24 -9.99 -24.80
CA ALA A 186 17.77 -8.63 -24.79
C ALA A 186 17.97 -8.09 -23.37
N VAL A 187 17.51 -8.81 -22.34
CA VAL A 187 17.68 -8.33 -20.96
C VAL A 187 19.15 -8.13 -20.68
N TYR A 188 19.96 -9.14 -21.00
CA TYR A 188 21.39 -9.07 -20.76
C TYR A 188 21.98 -7.80 -21.35
N LYS A 189 21.70 -7.55 -22.62
CA LYS A 189 22.24 -6.39 -23.31
C LYS A 189 21.89 -5.08 -22.61
N SER A 190 20.69 -5.00 -22.07
CA SER A 190 20.21 -3.79 -21.40
C SER A 190 20.96 -3.47 -20.10
N LEU A 191 21.68 -4.44 -19.54
CA LEU A 191 22.29 -4.25 -18.26
C LEU A 191 23.64 -3.59 -18.30
N SER A 192 24.31 -3.57 -19.44
CA SER A 192 25.72 -3.14 -19.49
C SER A 192 26.64 -3.98 -18.62
N MET A 193 26.59 -5.28 -18.78
CA MET A 193 27.50 -6.16 -18.07
C MET A 193 28.90 -5.89 -18.54
N PRO A 194 29.83 -5.85 -17.59
CA PRO A 194 31.20 -5.49 -17.94
C PRO A 194 31.88 -6.64 -18.63
N VAL B 5 34.40 11.55 5.93
CA VAL B 5 33.63 11.75 4.69
C VAL B 5 32.20 11.33 4.97
N LYS B 6 31.25 12.06 4.40
N LYS B 6 31.28 12.00 4.28
CA LYS B 6 29.84 11.66 4.40
CA LYS B 6 29.84 11.73 4.36
C LYS B 6 29.31 11.67 2.98
C LYS B 6 29.26 11.71 2.97
N VAL B 7 28.43 10.72 2.69
CA VAL B 7 27.92 10.51 1.36
C VAL B 7 26.40 10.81 1.29
N CYS B 8 25.99 11.47 0.22
CA CYS B 8 24.58 11.60 -0.11
C CYS B 8 24.27 10.78 -1.36
N LEU B 9 23.37 9.84 -1.22
CA LEU B 9 22.84 9.07 -2.34
C LEU B 9 21.45 9.68 -2.67
N PHE B 10 21.41 10.47 -3.74
CA PHE B 10 20.09 10.99 -4.19
C PHE B 10 19.20 9.87 -4.66
N VAL B 11 17.89 10.06 -4.45
CA VAL B 11 16.91 9.08 -4.90
C VAL B 11 15.65 9.81 -5.27
N ALA B 12 14.98 9.33 -6.31
CA ALA B 12 13.70 9.89 -6.76
C ALA B 12 12.76 8.71 -7.01
N ASP B 13 11.47 9.02 -7.13
CA ASP B 13 10.58 8.00 -7.71
C ASP B 13 11.15 7.64 -9.08
N GLY B 14 11.24 6.34 -9.34
CA GLY B 14 11.81 5.86 -10.59
C GLY B 14 13.29 5.59 -10.55
N THR B 15 13.95 5.75 -9.37
CA THR B 15 15.36 5.42 -9.29
C THR B 15 15.55 3.91 -9.34
N ASP B 16 16.57 3.47 -10.07
CA ASP B 16 16.87 2.06 -10.20
C ASP B 16 17.33 1.43 -8.89
N GLU B 17 16.75 0.28 -8.54
CA GLU B 17 17.09 -0.41 -7.29
C GLU B 17 18.54 -0.89 -7.27
N ILE B 18 19.02 -1.43 -8.38
CA ILE B 18 20.38 -2.01 -8.43
C ILE B 18 21.41 -0.89 -8.25
N GLU B 19 21.21 0.20 -8.97
CA GLU B 19 22.15 1.33 -8.91
C GLU B 19 22.12 2.07 -7.59
N PHE B 20 21.00 2.08 -6.90
CA PHE B 20 20.96 2.55 -5.53
C PHE B 20 21.73 1.61 -4.60
N SER B 21 21.38 0.33 -4.64
N SER B 21 21.44 0.31 -4.77
CA SER B 21 21.87 -0.58 -3.62
CA SER B 21 21.82 -0.71 -3.79
C SER B 21 23.38 -0.79 -3.64
C SER B 21 23.34 -0.82 -3.67
N ALA B 22 24.01 -0.77 -4.80
CA ALA B 22 25.44 -1.07 -4.86
C ALA B 22 26.27 -0.03 -4.07
N PRO B 23 26.19 1.26 -4.41
CA PRO B 23 26.95 2.23 -3.60
C PRO B 23 26.49 2.26 -2.15
N TRP B 24 25.18 2.09 -1.91
CA TRP B 24 24.70 2.05 -0.55
C TRP B 24 25.43 0.97 0.26
N GLY B 25 25.39 -0.26 -0.25
CA GLY B 25 26.00 -1.37 0.46
C GLY B 25 27.50 -1.28 0.57
N ILE B 26 28.14 -0.70 -0.43
CA ILE B 26 29.60 -0.56 -0.40
C ILE B 26 30.02 0.45 0.67
N PHE B 27 29.36 1.62 0.71
CA PHE B 27 29.72 2.61 1.73
C PHE B 27 29.36 2.13 3.12
N LYS B 28 28.23 1.42 3.28
CA LYS B 28 27.91 0.86 4.57
C LYS B 28 28.99 -0.13 5.04
N ARG B 29 29.43 -1.02 4.15
CA ARG B 29 30.52 -1.95 4.53
C ARG B 29 31.82 -1.23 4.89
N ALA B 30 32.07 -0.09 4.25
CA ALA B 30 33.22 0.75 4.54
C ALA B 30 33.09 1.55 5.82
N GLU B 31 31.92 1.49 6.45
CA GLU B 31 31.64 2.27 7.67
C GLU B 31 31.83 3.76 7.43
N ILE B 32 31.42 4.22 6.26
CA ILE B 32 31.39 5.62 5.90
C ILE B 32 29.95 6.07 5.91
N PRO B 33 29.62 7.12 6.66
CA PRO B 33 28.22 7.57 6.74
C PRO B 33 27.64 7.87 5.37
N ILE B 34 26.39 7.42 5.14
CA ILE B 34 25.67 7.62 3.91
C ILE B 34 24.20 7.84 4.24
N ASP B 35 23.65 8.87 3.61
CA ASP B 35 22.20 9.18 3.69
C ASP B 35 21.59 9.06 2.33
N SER B 36 20.35 8.57 2.25
CA SER B 36 19.56 8.73 1.04
C SER B 36 18.76 10.02 1.15
N VAL B 37 18.76 10.79 0.07
CA VAL B 37 18.12 12.10 0.03
C VAL B 37 17.13 12.08 -1.14
N TYR B 38 15.85 12.12 -0.78
CA TYR B 38 14.75 12.00 -1.74
C TYR B 38 14.37 13.32 -2.39
N VAL B 39 14.28 13.29 -3.70
CA VAL B 39 13.77 14.41 -4.49
C VAL B 39 12.40 13.95 -5.02
N GLY B 40 11.33 14.45 -4.43
CA GLY B 40 10.00 14.06 -4.85
C GLY B 40 9.04 14.58 -3.82
N GLU B 41 7.76 14.25 -3.98
CA GLU B 41 6.79 15.00 -3.21
C GLU B 41 6.14 14.19 -2.11
N ASN B 42 6.43 12.89 -1.98
CA ASN B 42 5.79 12.16 -0.88
C ASN B 42 6.29 12.67 0.50
N LYS B 43 5.38 13.04 1.39
CA LYS B 43 5.78 13.71 2.63
C LYS B 43 6.26 12.75 3.71
N ASP B 44 6.10 11.46 3.44
CA ASP B 44 6.65 10.46 4.32
C ASP B 44 8.02 9.93 3.84
N ARG B 45 8.55 10.51 2.76
CA ARG B 45 9.82 10.05 2.20
C ARG B 45 9.75 8.61 1.72
N LEU B 46 8.55 8.17 1.33
CA LEU B 46 8.40 6.85 0.73
C LEU B 46 8.56 6.99 -0.76
N VAL B 47 9.46 6.17 -1.30
CA VAL B 47 9.88 6.21 -2.70
C VAL B 47 9.38 4.99 -3.42
N LYS B 48 8.84 5.15 -4.61
CA LYS B 48 8.54 4.02 -5.50
C LYS B 48 9.66 3.97 -6.53
N MET B 49 10.52 2.97 -6.37
N MET B 49 10.39 2.87 -6.51
CA MET B 49 11.68 2.81 -7.23
CA MET B 49 11.60 2.77 -7.30
C MET B 49 11.26 2.40 -8.66
C MET B 49 11.29 2.18 -8.66
N SER B 50 12.23 2.37 -9.57
CA SER B 50 12.02 2.08 -11.00
C SER B 50 11.25 0.80 -11.23
N ARG B 51 11.63 -0.25 -10.52
CA ARG B 51 11.07 -1.58 -10.70
C ARG B 51 10.18 -1.93 -9.50
N ASP B 52 9.57 -0.92 -8.91
CA ASP B 52 8.41 -1.02 -7.98
C ASP B 52 8.74 -1.37 -6.55
N VAL B 53 10.01 -1.41 -6.16
CA VAL B 53 10.30 -1.47 -4.74
C VAL B 53 9.81 -0.18 -4.07
N GLU B 54 9.20 -0.34 -2.90
CA GLU B 54 8.80 0.80 -2.07
C GLU B 54 9.71 0.88 -0.88
N MET B 55 10.44 1.98 -0.69
N MET B 55 10.52 1.95 -0.84
CA MET B 55 11.35 2.05 0.45
CA MET B 55 11.60 2.14 0.14
C MET B 55 11.49 3.50 0.91
C MET B 55 11.40 3.49 0.74
N TYR B 56 11.78 3.69 2.21
N TYR B 56 11.81 3.58 1.98
CA TYR B 56 11.92 5.03 2.82
CA TYR B 56 11.94 4.90 2.53
C TYR B 56 13.31 5.58 2.57
C TYR B 56 13.31 5.50 2.21
N ALA B 57 13.35 6.84 2.19
CA ALA B 57 14.60 7.60 2.17
C ALA B 57 14.83 8.22 3.55
N ASN B 58 16.10 8.50 3.84
CA ASN B 58 16.42 9.08 5.14
C ASN B 58 16.00 10.55 5.27
N ARG B 59 16.09 11.30 4.18
CA ARG B 59 15.85 12.75 4.18
C ARG B 59 15.11 13.16 2.92
N SER B 60 14.45 14.34 2.95
CA SER B 60 14.04 15.03 1.75
C SER B 60 15.07 16.11 1.42
N TYR B 61 15.28 16.34 0.13
CA TYR B 61 16.13 17.43 -0.31
C TYR B 61 15.63 18.80 0.18
N LYS B 62 14.32 18.90 0.48
CA LYS B 62 13.77 20.17 0.98
C LYS B 62 14.33 20.58 2.33
N GLU B 63 14.96 19.65 3.03
CA GLU B 63 15.57 19.94 4.34
C GLU B 63 16.89 20.72 4.19
N ILE B 64 17.39 20.84 2.97
CA ILE B 64 18.71 21.41 2.74
C ILE B 64 18.53 22.69 1.90
N PRO B 65 18.91 23.86 2.42
CA PRO B 65 18.44 25.10 1.79
C PRO B 65 19.18 25.51 0.50
N SER B 66 20.42 25.05 0.30
CA SER B 66 21.22 25.49 -0.84
C SER B 66 22.33 24.51 -1.08
N ALA B 67 22.93 24.59 -2.28
CA ALA B 67 24.09 23.76 -2.57
C ALA B 67 25.27 24.07 -1.63
N ASP B 68 25.46 25.34 -1.26
CA ASP B 68 26.52 25.66 -0.32
C ASP B 68 26.25 25.00 1.04
N ASP B 69 25.02 24.94 1.46
CA ASP B 69 24.71 24.24 2.71
C ASP B 69 24.86 22.72 2.59
N PHE B 70 24.47 22.18 1.44
CA PHE B 70 24.66 20.75 1.16
C PHE B 70 26.13 20.40 1.30
N ALA B 71 26.99 21.24 0.75
CA ALA B 71 28.41 20.97 0.75
C ALA B 71 29.05 20.97 2.13
N LYS B 72 28.39 21.60 3.09
CA LYS B 72 28.88 21.49 4.46
C LYS B 72 28.44 20.22 5.18
N GLN B 73 27.50 19.49 4.57
CA GLN B 73 26.94 18.27 5.14
C GLN B 73 27.53 17.01 4.53
N TYR B 74 27.86 17.09 3.26
CA TYR B 74 28.24 15.92 2.46
C TYR B 74 29.50 16.19 1.64
N ASP B 75 30.27 15.12 1.41
CA ASP B 75 31.44 15.20 0.58
C ASP B 75 31.32 14.50 -0.77
N ILE B 76 30.41 13.54 -0.87
CA ILE B 76 30.17 12.79 -2.10
C ILE B 76 28.67 12.90 -2.41
N ALA B 77 28.37 13.24 -3.67
CA ALA B 77 26.99 13.25 -4.17
C ALA B 77 26.87 12.20 -5.24
N ILE B 78 25.89 11.32 -5.09
CA ILE B 78 25.70 10.22 -6.06
C ILE B 78 24.31 10.35 -6.70
N ILE B 79 24.28 10.32 -8.03
CA ILE B 79 23.07 10.41 -8.85
C ILE B 79 22.90 9.07 -9.56
N PRO B 80 22.02 8.21 -9.04
CA PRO B 80 21.74 6.95 -9.70
C PRO B 80 20.83 7.12 -10.92
N GLY B 81 20.67 6.04 -11.69
CA GLY B 81 19.84 6.03 -12.88
C GLY B 81 18.52 5.37 -12.68
N GLY B 82 18.06 4.69 -13.72
CA GLY B 82 16.67 4.35 -13.87
C GLY B 82 16.01 5.42 -14.68
N GLY B 83 15.26 5.04 -15.71
CA GLY B 83 14.83 6.04 -16.67
C GLY B 83 14.14 7.22 -16.02
N LEU B 84 13.04 6.92 -15.31
N LEU B 84 13.12 6.96 -15.22
CA LEU B 84 12.23 7.94 -14.64
CA LEU B 84 12.32 8.06 -14.78
C LEU B 84 13.07 8.73 -13.67
C LEU B 84 12.91 8.75 -13.54
N GLY B 85 13.68 8.03 -12.73
CA GLY B 85 14.40 8.68 -11.66
C GLY B 85 15.48 9.61 -12.18
N ALA B 86 16.16 9.20 -13.24
CA ALA B 86 17.23 10.01 -13.80
C ALA B 86 16.64 11.30 -14.37
N LYS B 87 15.51 11.19 -15.05
CA LYS B 87 14.88 12.37 -15.61
C LYS B 87 14.53 13.40 -14.52
N THR B 88 13.99 12.93 -13.41
CA THR B 88 13.70 13.81 -12.29
C THR B 88 14.97 14.42 -11.73
N LEU B 89 15.94 13.59 -11.37
CA LEU B 89 17.13 14.15 -10.74
C LEU B 89 17.83 15.14 -11.67
N SER B 90 18.00 14.76 -12.95
CA SER B 90 18.76 15.57 -13.89
C SER B 90 18.13 16.94 -14.14
N THR B 91 16.81 17.03 -13.95
CA THR B 91 16.06 18.25 -14.26
C THR B 91 15.73 19.02 -12.99
N THR B 92 16.25 18.63 -11.82
CA THR B 92 15.96 19.31 -10.56
C THR B 92 17.04 20.37 -10.35
N PRO B 93 16.65 21.67 -10.23
CA PRO B 93 17.67 22.70 -10.08
C PRO B 93 18.60 22.47 -8.90
N PHE B 94 18.06 22.03 -7.76
CA PHE B 94 18.93 21.79 -6.60
C PHE B 94 20.04 20.78 -6.92
N VAL B 95 19.68 19.69 -7.60
CA VAL B 95 20.68 18.68 -7.93
C VAL B 95 21.75 19.25 -8.86
N GLN B 96 21.32 20.00 -9.87
CA GLN B 96 22.26 20.67 -10.79
C GLN B 96 23.20 21.58 -10.00
N GLN B 97 22.62 22.33 -9.06
CA GLN B 97 23.41 23.29 -8.29
C GLN B 97 24.43 22.58 -7.40
N VAL B 98 24.07 21.45 -6.81
CA VAL B 98 25.00 20.64 -6.04
C VAL B 98 26.14 20.12 -6.92
N VAL B 99 25.79 19.57 -8.09
CA VAL B 99 26.81 19.05 -9.00
C VAL B 99 27.80 20.14 -9.41
N LYS B 100 27.26 21.30 -9.77
CA LYS B 100 28.08 22.40 -10.19
C LYS B 100 28.99 22.88 -9.06
N GLU B 101 28.47 22.93 -7.84
CA GLU B 101 29.26 23.33 -6.67
C GLU B 101 30.37 22.30 -6.36
N PHE B 102 30.07 21.00 -6.28
N PHE B 102 30.13 21.09 -6.80
CA PHE B 102 31.09 19.97 -5.89
CA PHE B 102 31.07 20.06 -6.51
C PHE B 102 32.24 19.83 -6.91
C PHE B 102 32.09 19.92 -7.62
N TYR B 103 31.98 20.12 -8.19
N TYR B 103 31.73 20.23 -8.86
CA TYR B 103 32.96 19.77 -9.25
CA TYR B 103 32.59 19.89 -10.00
C TYR B 103 34.32 20.44 -8.98
C TYR B 103 33.92 20.64 -9.86
N LYS B 104 35.38 19.64 -9.07
N LYS B 104 34.99 19.86 -9.83
CA LYS B 104 36.77 20.06 -8.91
CA LYS B 104 36.35 20.35 -9.66
C LYS B 104 37.16 20.50 -7.54
C LYS B 104 36.71 20.88 -8.26
N LYS B 105 36.29 20.33 -6.55
N LYS B 105 35.91 20.64 -7.21
CA LYS B 105 36.70 20.60 -5.20
CA LYS B 105 36.36 20.92 -5.81
C LYS B 105 37.67 19.51 -4.77
C LYS B 105 37.37 19.83 -5.36
N PRO B 106 38.66 19.89 -3.96
N PRO B 106 38.50 20.24 -4.76
CA PRO B 106 39.67 18.89 -3.62
CA PRO B 106 39.08 19.11 -4.09
C PRO B 106 39.22 17.91 -2.58
C PRO B 106 38.11 18.82 -2.98
N ASN B 107 38.05 18.15 -1.98
N ASN B 107 38.40 17.77 -2.26
CA ASN B 107 37.61 17.35 -0.83
CA ASN B 107 37.53 17.38 -1.18
C ASN B 107 36.20 16.81 -1.03
C ASN B 107 36.10 17.01 -1.57
N LYS B 108 35.74 16.79 -2.27
N LYS B 108 35.73 17.08 -2.85
CA LYS B 108 34.37 16.35 -2.61
CA LYS B 108 34.40 16.63 -3.30
C LYS B 108 34.49 15.42 -3.82
C LYS B 108 34.46 15.70 -4.50
N TRP B 109 33.45 14.58 -4.05
N TRP B 109 33.45 14.85 -4.59
CA TRP B 109 33.36 13.70 -5.24
CA TRP B 109 33.31 14.01 -5.70
C TRP B 109 31.89 13.59 -5.80
C TRP B 109 31.86 14.02 -5.99
N ILE B 110 31.71 13.45 -7.15
CA ILE B 110 30.38 13.27 -7.76
C ILE B 110 30.37 11.93 -8.47
N GLY B 111 29.31 11.15 -8.28
CA GLY B 111 29.11 9.94 -9.09
C GLY B 111 27.79 10.02 -9.82
N MET B 112 27.77 9.59 -11.07
CA MET B 112 26.54 9.45 -11.82
C MET B 112 26.56 8.13 -12.57
N ILE B 113 25.43 7.43 -12.55
CA ILE B 113 25.34 6.15 -13.27
C ILE B 113 24.12 6.05 -14.21
N CSD B 114 24.28 5.38 -15.38
CA CSD B 114 23.21 5.04 -16.35
CB CSD B 114 22.21 4.05 -15.72
SG CSD B 114 20.84 3.38 -16.57
C CSD B 114 22.69 6.36 -16.90
O CSD B 114 23.46 7.23 -17.31
OD1 CSD B 114 20.58 2.11 -15.88
OD2 CSD B 114 19.75 4.38 -16.15
N ALA B 115 21.35 6.52 -16.89
CA ALA B 115 20.77 7.76 -17.37
C ALA B 115 20.99 8.93 -16.42
N GLY B 116 21.44 8.66 -15.21
CA GLY B 116 21.78 9.74 -14.30
C GLY B 116 22.90 10.62 -14.81
N THR B 117 23.72 10.06 -15.70
CA THR B 117 24.86 10.80 -16.31
C THR B 117 24.43 11.99 -17.12
N LEU B 118 23.16 12.05 -17.49
CA LEU B 118 22.64 13.23 -18.14
C LEU B 118 22.76 14.47 -17.28
N THR B 119 22.82 14.28 -15.97
CA THR B 119 22.98 15.40 -15.06
C THR B 119 24.28 16.17 -15.35
N ALA B 120 25.31 15.51 -15.88
CA ALA B 120 26.55 16.25 -16.23
C ALA B 120 26.24 17.32 -17.25
N LYS B 121 25.49 16.88 -18.22
CA LYS B 121 25.10 17.71 -19.31
C LYS B 121 24.15 18.80 -18.84
N THR B 122 23.14 18.45 -18.07
CA THR B 122 22.18 19.48 -17.62
C THR B 122 22.77 20.47 -16.60
N SER B 123 23.89 20.09 -15.99
CA SER B 123 24.61 20.96 -15.07
C SER B 123 25.70 21.78 -15.75
N GLY B 124 25.95 21.43 -17.04
N GLY B 124 26.01 21.58 -17.02
CA GLY B 124 26.95 22.16 -17.84
CA GLY B 124 26.95 22.48 -17.68
C GLY B 124 28.37 21.85 -17.39
C GLY B 124 28.38 22.29 -17.22
N LEU B 125 28.63 20.61 -16.95
N LEU B 125 28.71 21.07 -16.82
CA LEU B 125 29.98 20.26 -16.42
CA LEU B 125 30.07 20.70 -16.53
C LEU B 125 31.06 20.18 -17.52
C LEU B 125 30.79 20.61 -17.84
N PRO B 126 32.29 20.64 -17.23
N PRO B 126 32.03 21.04 -17.84
CA PRO B 126 33.20 20.80 -18.38
CA PRO B 126 32.56 21.22 -19.19
C PRO B 126 34.26 19.68 -18.51
C PRO B 126 33.29 19.95 -19.67
N ASN B 127 34.08 18.56 -17.84
N ASN B 127 33.11 18.87 -18.91
CA ASN B 127 34.92 17.40 -18.10
CA ASN B 127 33.95 17.69 -19.09
C ASN B 127 34.91 17.00 -19.57
C ASN B 127 33.88 17.21 -20.54
N LYS B 128 35.99 16.40 -20.05
N LYS B 128 35.01 16.72 -21.04
CA LYS B 128 36.12 16.06 -21.45
CA LYS B 128 35.10 16.29 -22.43
C LYS B 128 35.65 14.65 -21.76
C LYS B 128 34.57 14.87 -22.63
N GLN B 129 35.87 13.72 -20.84
N GLN B 129 34.88 13.96 -21.70
CA GLN B 129 35.57 12.31 -21.07
CA GLN B 129 34.59 12.53 -21.84
C GLN B 129 34.57 11.82 -20.04
C GLN B 129 33.57 12.11 -20.79
N ILE B 130 33.77 10.82 -20.43
N ILE B 130 32.74 11.13 -21.16
CA ILE B 130 32.64 10.39 -19.62
CA ILE B 130 31.66 10.70 -20.30
C ILE B 130 32.18 9.01 -20.09
C ILE B 130 31.25 9.30 -20.74
N THR B 131 31.45 8.29 -19.24
N THR B 131 30.62 8.56 -19.84
CA THR B 131 30.61 7.22 -19.73
CA THR B 131 29.80 7.46 -20.29
C THR B 131 29.21 7.32 -19.15
C THR B 131 28.44 7.49 -19.62
N GLY B 132 28.34 6.40 -19.57
N GLY B 132 27.57 6.59 -20.06
CA GLY B 132 26.96 6.36 -19.12
CA GLY B 132 26.20 6.53 -19.58
C GLY B 132 26.30 5.22 -19.88
C GLY B 132 25.51 5.40 -20.29
N HIS B 133 25.00 5.05 -19.69
N HIS B 133 24.22 5.26 -20.03
CA HIS B 133 24.33 3.92 -20.33
CA HIS B 133 23.50 4.16 -20.63
C HIS B 133 24.40 4.12 -21.83
C HIS B 133 23.35 4.38 -22.12
N PRO B 134 24.55 3.03 -22.58
N PRO B 134 23.51 3.30 -22.91
CA PRO B 134 24.68 3.22 -24.03
CA PRO B 134 23.47 3.49 -24.36
C PRO B 134 23.46 3.90 -24.66
C PRO B 134 22.18 4.19 -24.81
N SER B 135 22.31 3.85 -24.00
N SER B 135 21.11 4.07 -24.02
CA SER B 135 21.14 4.56 -24.49
CA SER B 135 19.87 4.78 -24.33
C SER B 135 21.20 6.09 -24.39
C SER B 135 19.98 6.31 -24.17
N VAL B 136 22.13 6.62 -23.59
N VAL B 136 21.08 6.79 -23.60
CA VAL B 136 22.36 8.06 -23.50
CA VAL B 136 21.31 8.24 -23.59
C VAL B 136 23.69 8.49 -24.07
C VAL B 136 22.61 8.66 -24.29
N ARG B 137 24.35 7.60 -24.81
N ARG B 137 23.23 7.75 -25.04
CA ARG B 137 25.62 7.95 -25.44
CA ARG B 137 24.47 8.08 -25.73
C ARG B 137 25.47 9.12 -26.40
C ARG B 137 24.21 9.26 -26.67
N GLY B 138 24.46 9.07 -27.26
N GLY B 138 23.12 9.15 -27.43
CA GLY B 138 24.30 10.12 -28.26
CA GLY B 138 22.79 10.17 -28.42
C GLY B 138 24.07 11.48 -27.62
C GLY B 138 22.66 11.53 -27.77
N GLN B 139 23.25 11.49 -26.57
N GLN B 139 22.04 11.57 -26.60
CA GLN B 139 23.03 12.72 -25.83
CA GLN B 139 21.86 12.84 -25.92
C GLN B 139 24.29 13.27 -25.13
C GLN B 139 23.16 13.43 -25.39
N LEU B 140 25.05 12.39 -24.51
N LEU B 140 23.99 12.59 -24.78
CA LEU B 140 26.34 12.79 -23.96
CA LEU B 140 25.27 13.03 -24.22
C LEU B 140 27.28 13.37 -25.03
C LEU B 140 26.22 13.54 -25.32
N GLU B 141 27.36 12.72 -26.19
N GLU B 141 26.31 12.79 -26.40
CA GLU B 141 28.23 13.21 -27.24
CA GLU B 141 27.26 13.07 -27.46
C GLU B 141 27.76 14.55 -27.79
C GLU B 141 26.95 14.40 -28.11
N GLU B 142 26.46 14.75 -27.87
N GLU B 142 25.72 14.86 -27.88
CA GLU B 142 25.95 16.03 -28.34
CA GLU B 142 25.29 16.16 -28.35
C GLU B 142 26.41 17.14 -27.38
C GLU B 142 25.68 17.28 -27.39
N GLY B 143 26.61 16.78 -26.11
N GLY B 143 25.95 16.93 -26.13
CA GLY B 143 27.08 17.72 -25.13
CA GLY B 143 26.44 17.89 -25.15
C GLY B 143 28.58 17.97 -25.15
C GLY B 143 27.93 18.20 -25.24
N GLY B 144 29.27 17.37 -26.12
N GLY B 144 28.57 17.67 -26.28
CA GLY B 144 30.69 17.63 -26.33
CA GLY B 144 29.99 17.90 -26.50
C GLY B 144 31.61 16.71 -25.53
C GLY B 144 30.82 16.79 -25.87
N TYR B 145 31.02 15.74 -24.83
N TYR B 145 30.13 16.04 -25.01
CA TYR B 145 31.80 14.73 -24.15
CA TYR B 145 30.67 14.84 -24.43
C TYR B 145 32.32 13.65 -25.09
C TYR B 145 31.04 13.81 -25.49
N LYS B 146 33.52 13.16 -24.81
N LYS B 146 32.30 13.39 -25.44
CA LYS B 146 33.98 11.93 -25.43
CA LYS B 146 32.74 12.18 -26.11
C LYS B 146 33.51 10.75 -24.59
C LYS B 146 32.37 10.97 -25.25
N TYR B 147 32.70 9.90 -25.21
N TYR B 147 31.37 10.24 -25.73
CA TYR B 147 32.16 8.73 -24.53
CA TYR B 147 30.94 8.98 -25.14
C TYR B 147 33.14 7.58 -24.60
C TYR B 147 32.04 7.93 -25.28
N LEU B 148 33.47 7.05 -23.43
N LEU B 148 32.51 7.42 -24.14
CA LEU B 148 34.28 5.83 -23.33
CA LEU B 148 33.33 6.22 -24.11
C LEU B 148 33.43 4.61 -23.04
C LEU B 148 32.44 5.04 -23.79
N ASP B 149 33.54 3.58 -23.87
N ASP B 149 32.63 3.97 -24.54
CA ASP B 149 32.73 2.39 -23.69
CA ASP B 149 31.97 2.70 -24.25
C ASP B 149 33.46 1.45 -22.74
C ASP B 149 32.84 1.84 -23.34
N GLN B 150 33.34 1.76 -21.45
N GLN B 150 32.81 2.18 -22.07
CA GLN B 150 33.88 0.89 -20.40
CA GLN B 150 33.43 1.36 -21.04
C GLN B 150 33.08 1.10 -19.12
C GLN B 150 32.69 1.57 -19.73
N PRO B 151 33.32 0.25 -18.11
N PRO B 151 32.93 0.69 -18.75
CA PRO B 151 32.36 0.26 -17.00
CA PRO B 151 31.98 0.64 -17.63
C PRO B 151 32.36 1.54 -16.18
C PRO B 151 31.96 1.90 -16.77
N VAL B 152 33.54 2.12 -15.94
N VAL B 152 33.14 2.50 -16.60
CA VAL B 152 33.68 3.28 -15.05
CA VAL B 152 33.30 3.63 -15.71
C VAL B 152 34.73 4.25 -15.65
C VAL B 152 34.28 4.62 -16.33
N VAL B 153 34.43 5.54 -15.58
N VAL B 153 33.89 5.90 -16.28
CA VAL B 153 35.34 6.59 -15.99
CA VAL B 153 34.73 7.00 -16.75
C VAL B 153 35.49 7.58 -14.82
C VAL B 153 34.97 7.98 -15.63
N LEU B 154 36.72 8.01 -14.55
N LEU B 154 36.19 8.48 -15.52
CA LEU B 154 36.97 9.11 -13.61
CA LEU B 154 36.49 9.50 -14.52
C LEU B 154 37.66 10.26 -14.34
C LEU B 154 37.12 10.70 -15.21
N GLU B 155 37.16 11.48 -14.17
N GLU B 155 36.51 11.87 -15.02
CA GLU B 155 37.87 12.66 -14.60
CA GLU B 155 37.06 13.11 -15.50
C GLU B 155 37.67 13.75 -13.59
C GLU B 155 36.92 14.18 -14.44
N GLU B 156 38.77 14.38 -13.16
N GLU B 156 38.02 14.84 -14.15
CA GLU B 156 38.75 15.26 -12.00
CA GLU B 156 38.11 15.70 -12.98
C GLU B 156 38.13 14.50 -10.84
C GLU B 156 37.62 14.92 -11.77
N ASN B 157 37.04 14.99 -10.24
N ASN B 157 36.55 15.38 -11.09
CA ASN B 157 36.39 14.28 -9.13
CA ASN B 157 36.02 14.64 -9.95
C ASN B 157 35.02 13.74 -9.51
C ASN B 157 34.63 14.13 -10.24
N LEU B 158 34.81 13.52 -10.80
N LEU B 158 34.37 13.87 -11.52
CA LEU B 158 33.55 12.95 -11.33
CA LEU B 158 33.11 13.30 -11.97
C LEU B 158 33.79 11.50 -11.78
C LEU B 158 33.34 11.89 -12.43
N ILE B 159 33.01 10.59 -11.19
N ILE B 159 32.68 10.98 -11.75
CA ILE B 159 32.92 9.18 -11.60
CA ILE B 159 32.80 9.60 -12.03
C ILE B 159 31.58 8.91 -12.37
C ILE B 159 31.49 9.16 -12.54
N THR B 160 31.61 8.48 -13.65
CA THR B 160 30.43 8.09 -14.38
C THR B 160 30.51 6.62 -14.74
N SER B 161 29.33 5.99 -14.91
CA SER B 161 29.26 4.55 -15.15
C SER B 161 28.02 4.18 -15.96
N GLN B 162 28.01 2.98 -16.53
CA GLN B 162 27.07 2.64 -17.61
C GLN B 162 25.67 2.13 -17.21
N GLY B 163 25.56 1.24 -16.24
CA GLY B 163 24.27 0.57 -16.06
C GLY B 163 24.24 -0.33 -14.84
N PRO B 164 23.14 -1.07 -14.67
CA PRO B 164 23.04 -1.91 -13.50
C PRO B 164 24.22 -2.86 -13.38
N GLY B 165 24.70 -3.40 -14.51
CA GLY B 165 25.82 -4.30 -14.47
C GLY B 165 27.15 -3.72 -14.01
N THR B 166 27.24 -2.40 -14.00
CA THR B 166 28.47 -1.72 -13.58
C THR B 166 28.31 -1.02 -12.25
N ALA B 167 27.19 -1.22 -11.56
CA ALA B 167 26.94 -0.48 -10.33
C ALA B 167 27.94 -0.80 -9.24
N MET B 168 28.34 -2.06 -9.12
CA MET B 168 29.35 -2.42 -8.14
C MET B 168 30.69 -1.78 -8.44
N LEU B 169 31.12 -1.85 -9.69
CA LEU B 169 32.39 -1.20 -10.08
C LEU B 169 32.30 0.31 -9.83
N PHE B 170 31.16 0.92 -10.08
CA PHE B 170 30.94 2.34 -9.84
C PHE B 170 31.09 2.68 -8.35
N GLY B 171 30.36 1.94 -7.52
CA GLY B 171 30.49 2.20 -6.11
C GLY B 171 31.90 2.04 -5.60
N LEU B 172 32.60 1.02 -6.09
CA LEU B 172 33.99 0.83 -5.73
C LEU B 172 34.86 1.99 -6.18
N LYS B 173 34.64 2.55 -7.36
CA LYS B 173 35.49 3.65 -7.83
C LYS B 173 35.29 4.87 -6.95
N LEU B 174 34.06 5.13 -6.50
CA LEU B 174 33.80 6.18 -5.51
C LEU B 174 34.52 5.91 -4.21
N LEU B 175 34.39 4.69 -3.68
CA LEU B 175 35.06 4.36 -2.44
C LEU B 175 36.57 4.56 -2.57
N GLU B 176 37.12 4.18 -3.70
CA GLU B 176 38.57 4.27 -3.91
C GLU B 176 39.09 5.67 -3.67
N GLN B 177 38.27 6.69 -3.92
CA GLN B 177 38.71 8.08 -3.77
C GLN B 177 38.91 8.51 -2.34
N VAL B 178 38.25 7.83 -1.41
CA VAL B 178 38.14 8.30 -0.03
C VAL B 178 38.62 7.32 1.03
N ALA B 179 38.76 6.05 0.68
CA ALA B 179 39.18 5.05 1.63
C ALA B 179 40.69 4.91 1.64
N SER B 180 41.23 4.52 2.79
CA SER B 180 42.61 4.07 2.86
C SER B 180 42.77 2.83 1.96
N LYS B 181 44.01 2.51 1.65
CA LYS B 181 44.31 1.30 0.90
C LYS B 181 43.78 0.07 1.62
N ASP B 182 43.89 0.09 2.96
N ASP B 182 44.02 -0.02 2.93
CA ASP B 182 43.60 -1.09 3.80
CA ASP B 182 43.61 -1.21 3.64
C ASP B 182 42.09 -1.28 3.81
C ASP B 182 42.07 -1.29 3.62
N LYS B 183 41.36 -0.17 3.81
N LYS B 183 41.39 -0.21 4.02
CA LYS B 183 39.90 -0.24 3.95
CA LYS B 183 39.92 -0.19 3.94
C LYS B 183 39.24 -0.48 2.59
C LYS B 183 39.45 -0.69 2.58
N TYR B 184 39.86 0.00 1.52
CA TYR B 184 39.42 -0.34 0.19
C TYR B 184 39.57 -1.85 -0.05
N ASN B 185 40.78 -2.35 0.22
CA ASN B 185 41.07 -3.75 -0.11
C ASN B 185 40.21 -4.70 0.70
N ALA B 186 39.93 -4.35 1.94
CA ALA B 186 39.09 -5.18 2.78
C ALA B 186 37.64 -5.20 2.29
N VAL B 187 37.11 -4.03 1.95
CA VAL B 187 35.75 -3.98 1.44
C VAL B 187 35.71 -4.75 0.12
N TYR B 188 36.65 -4.50 -0.77
CA TYR B 188 36.68 -5.19 -2.04
C TYR B 188 36.62 -6.70 -1.85
N LYS B 189 37.57 -7.21 -1.08
N LYS B 189 37.46 -7.21 -0.96
CA LYS B 189 37.61 -8.63 -0.77
CA LYS B 189 37.58 -8.65 -0.84
C LYS B 189 36.22 -9.16 -0.45
C LYS B 189 36.34 -9.29 -0.19
N SER B 190 35.57 -8.49 0.51
CA SER B 190 34.32 -8.96 1.10
C SER B 190 33.18 -9.11 0.10
N LEU B 191 33.29 -8.49 -1.06
CA LEU B 191 32.20 -8.47 -2.03
C LEU B 191 32.14 -9.71 -2.90
N SER B 192 33.22 -10.49 -2.95
CA SER B 192 33.34 -11.60 -3.87
C SER B 192 33.12 -11.12 -5.31
N MET B 193 33.89 -10.10 -5.70
CA MET B 193 33.86 -9.62 -7.05
C MET B 193 34.29 -10.74 -8.00
N PRO B 194 33.63 -10.84 -9.18
CA PRO B 194 33.93 -11.93 -10.10
C PRO B 194 35.19 -11.67 -10.89
N VAL C 5 -2.57 -0.94 7.87
CA VAL C 5 -3.62 -0.87 6.78
C VAL C 5 -4.32 0.47 6.93
N LYS C 6 -4.50 1.12 5.79
CA LYS C 6 -5.21 2.40 5.74
C LYS C 6 -6.18 2.41 4.59
N VAL C 7 -7.36 2.94 4.88
CA VAL C 7 -8.47 2.88 3.93
C VAL C 7 -8.87 4.26 3.45
N CYS C 8 -9.13 4.37 2.15
CA CYS C 8 -9.76 5.52 1.55
C CYS C 8 -11.17 5.21 1.16
N LEU C 9 -12.12 5.93 1.75
CA LEU C 9 -13.52 5.88 1.36
C LEU C 9 -13.79 7.10 0.50
N PHE C 10 -13.86 6.91 -0.82
CA PHE C 10 -14.18 8.01 -1.70
C PHE C 10 -15.62 8.48 -1.46
N VAL C 11 -15.84 9.78 -1.63
N VAL C 11 -15.84 9.76 -1.71
CA VAL C 11 -17.16 10.37 -1.47
CA VAL C 11 -17.17 10.36 -1.57
C VAL C 11 -17.30 11.53 -2.46
C VAL C 11 -17.29 11.50 -2.55
N ALA C 12 -18.51 11.74 -2.99
CA ALA C 12 -18.80 12.84 -3.90
C ALA C 12 -20.17 13.39 -3.53
N ASP C 13 -20.49 14.58 -4.04
N ASP C 13 -20.49 14.59 -4.03
CA ASP C 13 -21.88 15.00 -3.94
CA ASP C 13 -21.89 14.97 -3.99
C ASP C 13 -22.78 13.99 -4.66
C ASP C 13 -22.68 13.83 -4.59
N GLY C 14 -23.80 13.51 -3.95
CA GLY C 14 -24.62 12.43 -4.45
C GLY C 14 -24.26 11.05 -3.99
N THR C 15 -23.25 10.91 -3.12
CA THR C 15 -22.93 9.58 -2.57
C THR C 15 -24.01 9.14 -1.58
N ASP C 16 -24.37 7.86 -1.64
CA ASP C 16 -25.38 7.30 -0.73
C ASP C 16 -24.90 7.24 0.71
N GLU C 17 -25.74 7.73 1.60
CA GLU C 17 -25.40 7.76 3.03
C GLU C 17 -25.22 6.39 3.65
N ILE C 18 -26.08 5.45 3.30
CA ILE C 18 -26.03 4.10 3.86
C ILE C 18 -24.75 3.39 3.45
N GLU C 19 -24.46 3.46 2.15
CA GLU C 19 -23.27 2.80 1.60
C GLU C 19 -21.96 3.43 2.07
N PHE C 20 -21.98 4.72 2.41
N PHE C 20 -21.97 4.74 2.33
CA PHE C 20 -20.81 5.34 3.06
CA PHE C 20 -20.82 5.35 2.99
C PHE C 20 -20.68 4.87 4.51
C PHE C 20 -20.69 4.86 4.44
N SER C 21 -21.79 4.94 5.24
N SER C 21 -21.84 4.82 5.12
CA SER C 21 -21.70 4.74 6.68
CA SER C 21 -21.88 4.72 6.59
C SER C 21 -21.28 3.34 7.08
C SER C 21 -21.39 3.37 7.08
N ALA C 22 -21.73 2.32 6.34
CA ALA C 22 -21.45 0.97 6.76
C ALA C 22 -19.94 0.65 6.77
N PRO C 23 -19.23 0.79 5.63
CA PRO C 23 -17.77 0.54 5.69
C PRO C 23 -17.08 1.51 6.65
N TRP C 24 -17.52 2.77 6.69
CA TRP C 24 -16.93 3.72 7.64
C TRP C 24 -16.97 3.19 9.08
N GLY C 25 -18.19 2.82 9.52
CA GLY C 25 -18.33 2.38 10.88
C GLY C 25 -17.66 1.07 11.18
N ILE C 26 -17.61 0.18 10.19
CA ILE C 26 -16.95 -1.12 10.37
C ILE C 26 -15.44 -0.95 10.54
N PHE C 27 -14.80 -0.18 9.66
CA PHE C 27 -13.36 0.05 9.78
C PHE C 27 -13.02 0.84 11.05
N LYS C 28 -13.84 1.81 11.44
CA LYS C 28 -13.61 2.51 12.70
C LYS C 28 -13.67 1.52 13.88
N ARG C 29 -14.65 0.63 13.90
CA ARG C 29 -14.73 -0.36 14.96
C ARG C 29 -13.51 -1.27 15.00
N ALA C 30 -12.94 -1.54 13.83
CA ALA C 30 -11.75 -2.37 13.73
C ALA C 30 -10.47 -1.64 14.10
N GLU C 31 -10.57 -0.35 14.40
CA GLU C 31 -9.39 0.49 14.70
C GLU C 31 -8.41 0.47 13.52
N ILE C 32 -8.96 0.46 12.32
CA ILE C 32 -8.19 0.58 11.10
C ILE C 32 -8.34 2.00 10.56
N PRO C 33 -7.25 2.74 10.38
CA PRO C 33 -7.35 4.12 9.89
C PRO C 33 -8.14 4.20 8.58
N ILE C 34 -9.01 5.22 8.51
CA ILE C 34 -9.84 5.44 7.34
C ILE C 34 -10.07 6.93 7.18
N ASP C 35 -9.90 7.40 5.95
CA ASP C 35 -10.19 8.78 5.58
C ASP C 35 -11.31 8.78 4.55
N SER C 36 -12.18 9.79 4.62
CA SER C 36 -13.05 10.10 3.50
C SER C 36 -12.37 11.09 2.58
N VAL C 37 -12.39 10.77 1.30
CA VAL C 37 -11.68 11.56 0.27
C VAL C 37 -12.69 12.02 -0.75
N TYR C 38 -12.95 13.31 -0.71
CA TYR C 38 -13.98 13.96 -1.52
C TYR C 38 -13.50 14.30 -2.92
N VAL C 39 -14.33 13.95 -3.90
CA VAL C 39 -14.17 14.32 -5.29
C VAL C 39 -15.25 15.28 -5.63
N GLY C 40 -14.87 16.53 -5.84
CA GLY C 40 -15.81 17.54 -6.19
C GLY C 40 -15.12 18.88 -6.05
N GLU C 41 -15.92 19.93 -6.20
CA GLU C 41 -15.35 21.27 -6.16
C GLU C 41 -15.69 22.11 -4.92
N ASN C 42 -16.47 21.63 -3.95
CA ASN C 42 -16.74 22.45 -2.74
C ASN C 42 -15.43 22.63 -1.98
N LYS C 43 -14.96 23.86 -1.88
CA LYS C 43 -13.64 24.08 -1.33
C LYS C 43 -13.54 23.89 0.18
N ASP C 44 -14.67 23.72 0.84
CA ASP C 44 -14.66 23.44 2.27
C ASP C 44 -14.83 21.94 2.58
N ARG C 45 -14.90 21.13 1.53
N ARG C 45 -14.81 21.11 1.56
CA ARG C 45 -15.10 19.69 1.65
CA ARG C 45 -15.02 19.67 1.73
C ARG C 45 -16.44 19.35 2.25
C ARG C 45 -16.44 19.34 2.25
N LEU C 46 -17.40 20.25 2.08
CA LEU C 46 -18.77 19.97 2.50
C LEU C 46 -19.49 19.27 1.38
N VAL C 47 -19.91 18.05 1.65
CA VAL C 47 -20.52 17.14 0.66
C VAL C 47 -22.03 17.12 0.85
N LYS C 48 -22.78 17.27 -0.22
CA LYS C 48 -24.24 17.05 -0.20
C LYS C 48 -24.50 15.65 -0.68
N MET C 49 -24.75 14.76 0.27
N MET C 49 -24.89 14.79 0.24
CA MET C 49 -24.98 13.34 0.00
CA MET C 49 -24.99 13.38 -0.08
C MET C 49 -26.24 13.11 -0.84
C MET C 49 -26.32 13.08 -0.76
N SER C 50 -26.43 11.88 -1.31
CA SER C 50 -27.54 11.51 -2.18
C SER C 50 -28.89 11.92 -1.62
N ARG C 51 -29.13 11.64 -0.34
CA ARG C 51 -30.39 11.90 0.31
C ARG C 51 -30.28 13.10 1.26
N ASP C 52 -29.42 14.03 0.90
CA ASP C 52 -29.39 15.38 1.46
C ASP C 52 -28.70 15.54 2.80
N VAL C 53 -28.03 14.53 3.31
CA VAL C 53 -27.13 14.80 4.44
C VAL C 53 -26.00 15.69 3.96
N GLU C 54 -25.61 16.66 4.79
CA GLU C 54 -24.44 17.50 4.52
C GLU C 54 -23.35 17.13 5.51
N MET C 55 -22.25 16.58 5.02
N MET C 55 -22.25 16.59 4.96
CA MET C 55 -21.17 16.11 5.86
CA MET C 55 -21.13 15.91 5.66
C MET C 55 -19.90 16.67 5.30
C MET C 55 -19.79 16.56 5.31
N TYR C 56 -18.96 16.97 6.14
N TYR C 56 -18.90 16.82 6.26
CA TYR C 56 -17.64 17.33 5.69
CA TYR C 56 -17.54 17.23 5.91
C TYR C 56 -16.81 16.07 5.51
C TYR C 56 -16.66 16.03 5.63
N ALA C 57 -16.04 15.99 4.45
CA ALA C 57 -15.04 14.94 4.20
C ALA C 57 -13.73 15.30 4.87
N ASN C 58 -12.93 14.28 5.16
CA ASN C 58 -11.62 14.53 5.76
C ASN C 58 -10.63 15.22 4.83
N ARG C 59 -10.68 14.85 3.55
CA ARG C 59 -9.72 15.27 2.56
C ARG C 59 -10.42 15.58 1.26
N SER C 60 -9.77 16.42 0.43
CA SER C 60 -10.06 16.49 -1.00
C SER C 60 -9.07 15.60 -1.76
N TYR C 61 -9.55 14.96 -2.82
CA TYR C 61 -8.64 14.19 -3.67
C TYR C 61 -7.57 15.05 -4.32
N LYS C 62 -7.80 16.37 -4.41
CA LYS C 62 -6.81 17.27 -5.01
C LYS C 62 -5.52 17.30 -4.22
N GLU C 63 -5.55 16.87 -2.97
CA GLU C 63 -4.33 16.76 -2.13
C GLU C 63 -3.39 15.66 -2.56
N ILE C 64 -3.81 14.75 -3.40
CA ILE C 64 -3.06 13.54 -3.71
C ILE C 64 -2.65 13.57 -5.20
N PRO C 65 -1.34 13.67 -5.50
CA PRO C 65 -0.94 14.06 -6.87
C PRO C 65 -1.11 12.99 -7.96
N SER C 66 -1.08 11.72 -7.62
CA SER C 66 -1.12 10.65 -8.59
C SER C 66 -1.61 9.38 -7.91
N ALA C 67 -1.91 8.38 -8.72
CA ALA C 67 -2.26 7.07 -8.20
C ALA C 67 -1.09 6.43 -7.46
N ASP C 68 0.13 6.63 -7.96
CA ASP C 68 1.27 6.11 -7.25
C ASP C 68 1.38 6.72 -5.87
N ASP C 69 1.16 8.02 -5.74
CA ASP C 69 1.21 8.62 -4.40
C ASP C 69 0.06 8.15 -3.51
N PHE C 70 -1.12 7.97 -4.13
CA PHE C 70 -2.25 7.35 -3.43
C PHE C 70 -1.89 5.98 -2.85
N ALA C 71 -1.21 5.15 -3.67
CA ALA C 71 -0.80 3.82 -3.24
C ALA C 71 0.22 3.82 -2.11
N LYS C 72 0.97 4.91 -1.97
CA LYS C 72 1.86 5.05 -0.84
C LYS C 72 1.06 5.31 0.44
N GLN C 73 -0.15 5.86 0.31
CA GLN C 73 -0.92 6.29 1.47
C GLN C 73 -2.01 5.32 1.90
N TYR C 74 -2.59 4.58 0.96
CA TYR C 74 -3.77 3.76 1.21
C TYR C 74 -3.57 2.36 0.66
N ASP C 75 -4.22 1.40 1.33
CA ASP C 75 -4.20 0.01 0.90
C ASP C 75 -5.54 -0.48 0.36
N ILE C 76 -6.62 0.22 0.74
CA ILE C 76 -7.98 -0.13 0.30
C ILE C 76 -8.62 1.12 -0.24
N ALA C 77 -9.23 1.00 -1.42
CA ALA C 77 -10.01 2.08 -2.02
C ALA C 77 -11.45 1.63 -2.14
N ILE C 78 -12.37 2.42 -1.62
CA ILE C 78 -13.80 2.08 -1.61
C ILE C 78 -14.57 3.13 -2.38
N ILE C 79 -15.39 2.66 -3.31
CA ILE C 79 -16.24 3.51 -4.13
C ILE C 79 -17.70 3.19 -3.84
N PRO C 80 -18.37 4.04 -3.05
CA PRO C 80 -19.77 3.83 -2.75
C PRO C 80 -20.66 4.26 -3.90
N GLY C 81 -21.96 3.97 -3.75
CA GLY C 81 -22.95 4.27 -4.77
C GLY C 81 -23.78 5.48 -4.48
N GLY C 82 -25.05 5.39 -4.88
CA GLY C 82 -25.86 6.58 -5.10
C GLY C 82 -25.69 7.03 -6.55
N GLY C 83 -26.76 7.34 -7.25
CA GLY C 83 -26.63 7.58 -8.69
C GLY C 83 -25.66 8.68 -9.08
N LEU C 84 -25.83 9.84 -8.49
CA LEU C 84 -24.98 10.96 -8.86
C LEU C 84 -23.55 10.75 -8.34
N GLY C 85 -23.43 10.28 -7.09
CA GLY C 85 -22.10 10.10 -6.55
C GLY C 85 -21.28 9.09 -7.36
N ALA C 86 -21.94 8.00 -7.74
CA ALA C 86 -21.29 6.98 -8.55
C ALA C 86 -20.93 7.49 -9.95
N LYS C 87 -21.81 8.30 -10.52
CA LYS C 87 -21.51 8.91 -11.83
C LYS C 87 -20.24 9.73 -11.71
N THR C 88 -20.18 10.59 -10.71
CA THR C 88 -18.99 11.41 -10.52
C THR C 88 -17.76 10.55 -10.28
N LEU C 89 -17.81 9.66 -9.30
CA LEU C 89 -16.60 8.90 -8.97
C LEU C 89 -16.13 8.06 -10.14
N SER C 90 -17.05 7.34 -10.78
CA SER C 90 -16.68 6.42 -11.85
C SER C 90 -16.07 7.12 -13.04
N THR C 91 -16.45 8.38 -13.24
CA THR C 91 -15.98 9.14 -14.39
C THR C 91 -14.79 10.03 -14.07
N THR C 92 -14.25 10.00 -12.86
CA THR C 92 -13.11 10.84 -12.48
C THR C 92 -11.83 10.10 -12.82
N PRO C 93 -11.00 10.67 -13.72
CA PRO C 93 -9.78 9.96 -14.11
C PRO C 93 -8.91 9.55 -12.93
N PHE C 94 -8.75 10.40 -11.91
CA PHE C 94 -7.94 10.00 -10.76
C PHE C 94 -8.43 8.70 -10.14
N VAL C 95 -9.76 8.59 -9.96
CA VAL C 95 -10.34 7.39 -9.37
C VAL C 95 -10.05 6.17 -10.23
N GLN C 96 -10.26 6.32 -11.54
CA GLN C 96 -9.98 5.22 -12.47
C GLN C 96 -8.51 4.81 -12.39
N GLN C 97 -7.62 5.78 -12.29
CA GLN C 97 -6.20 5.49 -12.24
C GLN C 97 -5.86 4.73 -10.96
N VAL C 98 -6.43 5.11 -9.83
CA VAL C 98 -6.24 4.37 -8.59
C VAL C 98 -6.70 2.93 -8.73
N VAL C 99 -7.93 2.77 -9.24
CA VAL C 99 -8.51 1.44 -9.39
C VAL C 99 -7.65 0.56 -10.29
N LYS C 100 -7.23 1.10 -11.42
N LYS C 100 -7.25 1.11 -11.43
CA LYS C 100 -6.38 0.35 -12.34
CA LYS C 100 -6.42 0.35 -12.35
C LYS C 100 -5.10 -0.06 -11.64
C LYS C 100 -5.06 -0.01 -11.74
N GLU C 101 -4.47 0.89 -10.95
CA GLU C 101 -3.22 0.60 -10.27
C GLU C 101 -3.38 -0.48 -9.22
N PHE C 102 -4.48 -0.45 -8.46
CA PHE C 102 -4.66 -1.38 -7.37
C PHE C 102 -5.02 -2.79 -7.80
N TYR C 103 -5.66 -2.94 -8.96
CA TYR C 103 -6.20 -4.25 -9.35
C TYR C 103 -5.09 -5.30 -9.41
N LYS C 104 -5.35 -6.43 -8.76
N LYS C 104 -5.35 -6.45 -8.79
CA LYS C 104 -4.45 -7.59 -8.71
CA LYS C 104 -4.44 -7.57 -8.78
C LYS C 104 -3.15 -7.39 -7.95
C LYS C 104 -3.06 -7.17 -8.25
N LYS C 105 -2.99 -6.28 -7.26
CA LYS C 105 -1.77 -6.05 -6.48
C LYS C 105 -1.88 -6.74 -5.14
N PRO C 106 -0.79 -7.35 -4.67
CA PRO C 106 -0.79 -7.97 -3.35
C PRO C 106 -1.01 -6.95 -2.25
N ASN C 107 -1.89 -7.29 -1.33
CA ASN C 107 -2.16 -6.47 -0.17
C ASN C 107 -2.73 -5.11 -0.50
N LYS C 108 -3.39 -5.00 -1.65
CA LYS C 108 -4.28 -3.88 -1.98
C LYS C 108 -5.66 -4.47 -2.22
N TRP C 109 -6.72 -3.73 -1.86
N TRP C 109 -6.69 -3.64 -2.02
CA TRP C 109 -8.08 -4.14 -2.21
CA TRP C 109 -8.08 -4.07 -2.18
C TRP C 109 -8.87 -2.99 -2.76
C TRP C 109 -8.91 -2.95 -2.73
N ILE C 110 -9.91 -3.32 -3.53
CA ILE C 110 -10.85 -2.35 -4.07
C ILE C 110 -12.25 -2.82 -3.72
N GLY C 111 -13.08 -1.92 -3.19
CA GLY C 111 -14.48 -2.22 -3.02
C GLY C 111 -15.34 -1.27 -3.78
N MET C 112 -16.40 -1.77 -4.40
CA MET C 112 -17.38 -0.94 -5.08
C MET C 112 -18.77 -1.43 -4.74
N ILE C 113 -19.67 -0.51 -4.45
CA ILE C 113 -21.06 -0.91 -4.14
C ILE C 113 -22.12 -0.17 -5.01
N CSD C 114 -23.25 -0.84 -5.35
CA CSD C 114 -24.40 -0.24 -6.05
CB CSD C 114 -25.12 0.74 -5.07
SG CSD C 114 -26.64 1.57 -5.51
C CSD C 114 -23.96 0.28 -7.40
O CSD C 114 -23.34 -0.44 -8.16
OD1 CSD C 114 -27.26 1.88 -4.20
OD2 CSD C 114 -26.02 2.87 -6.03
N ALA C 115 -24.29 1.52 -7.72
CA ALA C 115 -23.86 2.08 -8.98
C ALA C 115 -22.37 2.37 -9.02
N GLY C 116 -21.71 2.43 -7.87
CA GLY C 116 -20.26 2.61 -7.88
C GLY C 116 -19.51 1.53 -8.63
N THR C 117 -20.14 0.36 -8.78
CA THR C 117 -19.56 -0.76 -9.53
C THR C 117 -19.32 -0.43 -11.01
N LEU C 118 -19.95 0.63 -11.53
CA LEU C 118 -19.61 1.09 -12.88
C LEU C 118 -18.18 1.51 -12.98
N THR C 119 -17.50 1.80 -11.87
CA THR C 119 -16.09 2.14 -11.90
C THR C 119 -15.25 0.98 -12.43
N ALA C 120 -15.69 -0.27 -12.26
CA ALA C 120 -14.91 -1.35 -12.84
C ALA C 120 -14.88 -1.20 -14.36
N LYS C 121 -16.05 -0.91 -14.93
CA LYS C 121 -16.19 -0.68 -16.36
C LYS C 121 -15.39 0.54 -16.86
N THR C 122 -15.56 1.68 -16.19
CA THR C 122 -14.87 2.89 -16.65
C THR C 122 -13.35 2.80 -16.48
N SER C 123 -12.88 1.89 -15.62
CA SER C 123 -11.45 1.68 -15.38
C SER C 123 -10.89 0.54 -16.22
N GLY C 124 -11.76 -0.15 -16.96
CA GLY C 124 -11.33 -1.24 -17.82
C GLY C 124 -10.89 -2.49 -17.09
N LEU C 125 -11.42 -2.76 -15.90
CA LEU C 125 -10.96 -3.95 -15.17
C LEU C 125 -11.35 -5.22 -15.93
N PRO C 126 -10.45 -6.21 -15.94
CA PRO C 126 -10.70 -7.43 -16.70
C PRO C 126 -11.30 -8.58 -15.88
N ASN C 127 -11.79 -8.30 -14.69
CA ASN C 127 -12.50 -9.34 -13.97
C ASN C 127 -13.65 -9.90 -14.81
N LYS C 128 -13.97 -11.18 -14.63
CA LYS C 128 -14.98 -11.80 -15.44
C LYS C 128 -16.36 -11.57 -14.85
N GLN C 129 -16.48 -11.62 -13.53
CA GLN C 129 -17.77 -11.59 -12.85
C GLN C 129 -17.86 -10.38 -11.96
N ILE C 130 -19.08 -10.00 -11.61
CA ILE C 130 -19.30 -8.75 -10.85
C ILE C 130 -20.71 -8.79 -10.32
N THR C 131 -20.96 -7.99 -9.29
CA THR C 131 -22.33 -7.61 -9.02
C THR C 131 -22.41 -6.11 -8.88
N GLY C 132 -23.64 -5.63 -8.68
CA GLY C 132 -23.89 -4.19 -8.53
C GLY C 132 -25.38 -3.99 -8.40
N HIS C 133 -25.82 -2.74 -8.37
CA HIS C 133 -27.26 -2.54 -8.19
C HIS C 133 -27.99 -3.03 -9.45
N PRO C 134 -29.19 -3.61 -9.29
CA PRO C 134 -29.89 -4.05 -10.50
C PRO C 134 -30.07 -2.96 -11.54
N SER C 135 -30.19 -1.70 -11.11
CA SER C 135 -30.37 -0.61 -12.04
C SER C 135 -29.21 -0.45 -13.02
N VAL C 136 -28.02 -0.91 -12.65
CA VAL C 136 -26.87 -0.79 -13.51
C VAL C 136 -26.46 -2.11 -14.12
N ARG C 137 -27.27 -3.13 -13.93
CA ARG C 137 -26.87 -4.44 -14.44
C ARG C 137 -26.63 -4.41 -15.95
N GLY C 138 -27.57 -3.83 -16.69
CA GLY C 138 -27.40 -3.78 -18.17
C GLY C 138 -26.14 -3.07 -18.58
N GLN C 139 -25.86 -1.95 -17.93
CA GLN C 139 -24.63 -1.22 -18.20
C GLN C 139 -23.41 -2.09 -17.91
N LEU C 140 -23.44 -2.82 -16.80
CA LEU C 140 -22.31 -3.71 -16.47
C LEU C 140 -22.17 -4.81 -17.53
N GLU C 141 -23.28 -5.42 -17.93
CA GLU C 141 -23.18 -6.44 -18.97
C GLU C 141 -22.67 -5.87 -20.27
N GLU C 142 -23.04 -4.64 -20.62
CA GLU C 142 -22.53 -3.99 -21.83
C GLU C 142 -21.04 -3.70 -21.74
N GLY C 143 -20.47 -3.68 -20.55
CA GLY C 143 -19.02 -3.67 -20.35
C GLY C 143 -18.37 -5.03 -20.37
N GLY C 144 -19.14 -6.08 -20.64
CA GLY C 144 -18.59 -7.41 -20.83
C GLY C 144 -18.56 -8.26 -19.57
N TYR C 145 -19.09 -7.77 -18.46
CA TYR C 145 -19.09 -8.57 -17.22
C TYR C 145 -20.24 -9.54 -17.14
N LYS C 146 -20.01 -10.67 -16.46
CA LYS C 146 -21.05 -11.56 -16.07
C LYS C 146 -21.58 -11.16 -14.72
N TYR C 147 -22.85 -10.76 -14.70
CA TYR C 147 -23.48 -10.26 -13.48
C TYR C 147 -23.95 -11.44 -12.65
N LEU C 148 -23.60 -11.42 -11.37
CA LEU C 148 -24.08 -12.39 -10.40
C LEU C 148 -25.10 -11.75 -9.47
N ASP C 149 -26.29 -12.36 -9.36
CA ASP C 149 -27.30 -11.85 -8.46
C ASP C 149 -27.10 -12.41 -7.08
N GLN C 150 -26.17 -11.81 -6.36
CA GLN C 150 -25.86 -12.22 -4.97
C GLN C 150 -25.32 -10.99 -4.23
N PRO C 151 -25.41 -10.95 -2.90
CA PRO C 151 -25.09 -9.67 -2.23
C PRO C 151 -23.70 -9.15 -2.42
N VAL C 152 -22.70 -10.03 -2.46
CA VAL C 152 -21.29 -9.63 -2.51
C VAL C 152 -20.59 -10.62 -3.46
N VAL C 153 -19.69 -10.06 -4.28
CA VAL C 153 -18.84 -10.85 -5.18
C VAL C 153 -17.39 -10.46 -4.89
N LEU C 154 -16.50 -11.44 -4.76
N LEU C 154 -16.53 -11.45 -4.84
CA LEU C 154 -15.06 -11.21 -4.66
CA LEU C 154 -15.11 -11.22 -4.75
C LEU C 154 -14.34 -11.94 -5.79
C LEU C 154 -14.45 -11.92 -5.93
N GLU C 155 -13.61 -11.19 -6.62
CA GLU C 155 -12.79 -11.77 -7.68
C GLU C 155 -11.46 -11.05 -7.65
N GLU C 156 -10.37 -11.79 -7.60
CA GLU C 156 -9.06 -11.18 -7.36
C GLU C 156 -9.12 -10.33 -6.10
N ASN C 157 -8.81 -9.03 -6.17
CA ASN C 157 -8.88 -8.17 -5.02
C ASN C 157 -9.97 -7.11 -5.17
N LEU C 158 -10.99 -7.44 -5.96
CA LEU C 158 -12.15 -6.59 -6.19
C LEU C 158 -13.38 -7.16 -5.53
N ILE C 159 -13.91 -6.44 -4.53
N ILE C 159 -14.00 -6.37 -4.66
CA ILE C 159 -15.18 -6.76 -3.84
CA ILE C 159 -15.20 -6.79 -3.95
C ILE C 159 -16.25 -5.86 -4.44
C ILE C 159 -16.29 -5.85 -4.39
N THR C 160 -17.33 -6.43 -4.97
CA THR C 160 -18.47 -5.67 -5.42
C THR C 160 -19.73 -6.12 -4.69
N SER C 161 -20.71 -5.21 -4.62
CA SER C 161 -21.91 -5.48 -3.84
C SER C 161 -23.09 -4.69 -4.40
N GLN C 162 -24.31 -5.11 -4.00
CA GLN C 162 -25.52 -4.71 -4.70
C GLN C 162 -26.15 -3.37 -4.29
N GLY C 163 -26.27 -3.03 -3.03
CA GLY C 163 -27.13 -1.91 -2.69
C GLY C 163 -27.08 -1.55 -1.24
N PRO C 164 -27.94 -0.63 -0.82
CA PRO C 164 -27.91 -0.21 0.58
C PRO C 164 -28.10 -1.36 1.52
N GLY C 165 -28.98 -2.30 1.17
CA GLY C 165 -29.22 -3.46 2.00
C GLY C 165 -28.04 -4.38 2.18
N THR C 166 -27.06 -4.31 1.28
CA THR C 166 -25.87 -5.17 1.36
C THR C 166 -24.64 -4.42 1.86
N ALA C 167 -24.80 -3.15 2.28
CA ALA C 167 -23.63 -2.35 2.66
C ALA C 167 -22.89 -2.91 3.85
N MET C 168 -23.59 -3.46 4.84
CA MET C 168 -22.93 -4.10 5.97
C MET C 168 -22.15 -5.33 5.56
N LEU C 169 -22.78 -6.21 4.76
CA LEU C 169 -22.07 -7.36 4.27
C LEU C 169 -20.84 -6.99 3.46
N PHE C 170 -20.97 -5.93 2.66
CA PHE C 170 -19.86 -5.40 1.85
C PHE C 170 -18.71 -4.92 2.73
N GLY C 171 -19.03 -4.08 3.72
CA GLY C 171 -17.95 -3.62 4.61
C GLY C 171 -17.27 -4.76 5.34
N LEU C 172 -18.06 -5.74 5.78
CA LEU C 172 -17.50 -6.92 6.45
C LEU C 172 -16.58 -7.70 5.51
N LYS C 173 -16.99 -7.89 4.25
N LYS C 173 -16.97 -7.85 4.25
CA LYS C 173 -16.16 -8.63 3.30
CA LYS C 173 -16.15 -8.64 3.31
C LYS C 173 -14.81 -7.96 3.13
C LYS C 173 -14.81 -7.96 3.06
N LEU C 174 -14.81 -6.63 3.02
CA LEU C 174 -13.53 -5.89 2.94
C LEU C 174 -12.70 -6.10 4.20
N LEU C 175 -13.32 -5.93 5.37
CA LEU C 175 -12.61 -6.11 6.64
C LEU C 175 -11.99 -7.51 6.72
N GLU C 176 -12.75 -8.50 6.27
CA GLU C 176 -12.34 -9.89 6.38
C GLU C 176 -10.99 -10.14 5.70
N GLN C 177 -10.70 -9.37 4.67
CA GLN C 177 -9.45 -9.54 3.91
C GLN C 177 -8.23 -9.10 4.69
N VAL C 178 -8.41 -8.16 5.62
CA VAL C 178 -7.27 -7.49 6.27
C VAL C 178 -7.18 -7.65 7.77
N ALA C 179 -8.22 -8.09 8.42
CA ALA C 179 -8.25 -8.24 9.87
C ALA C 179 -7.88 -9.65 10.26
N SER C 180 -7.26 -9.79 11.43
CA SER C 180 -7.10 -11.10 12.03
C SER C 180 -8.45 -11.72 12.28
N LYS C 181 -8.45 -13.02 12.45
CA LYS C 181 -9.68 -13.72 12.77
C LYS C 181 -10.31 -13.16 14.04
N ASP C 182 -9.51 -12.98 15.07
CA ASP C 182 -10.02 -12.46 16.32
C ASP C 182 -10.64 -11.08 16.18
N LYS C 183 -9.97 -10.21 15.41
N LYS C 183 -9.95 -10.19 15.47
CA LYS C 183 -10.46 -8.85 15.23
CA LYS C 183 -10.48 -8.84 15.26
C LYS C 183 -11.74 -8.84 14.44
C LYS C 183 -11.78 -8.90 14.47
N TYR C 184 -11.75 -9.60 13.35
CA TYR C 184 -12.96 -9.74 12.53
C TYR C 184 -14.14 -10.22 13.39
N ASN C 185 -13.90 -11.26 14.18
CA ASN C 185 -14.99 -11.83 14.97
C ASN C 185 -15.52 -10.86 16.01
N ALA C 186 -14.62 -10.12 16.62
CA ALA C 186 -15.02 -9.15 17.62
C ALA C 186 -15.86 -8.04 17.00
N VAL C 187 -15.41 -7.52 15.87
CA VAL C 187 -16.19 -6.49 15.19
C VAL C 187 -17.54 -7.03 14.78
N TYR C 188 -17.52 -8.21 14.16
CA TYR C 188 -18.77 -8.81 13.69
C TYR C 188 -19.79 -8.94 14.83
N LYS C 189 -19.32 -9.50 15.94
CA LYS C 189 -20.21 -9.76 17.09
C LYS C 189 -20.86 -8.47 17.58
N SER C 190 -20.12 -7.36 17.55
CA SER C 190 -20.62 -6.10 18.07
C SER C 190 -21.75 -5.50 17.25
N LEU C 191 -21.92 -5.97 16.00
CA LEU C 191 -22.87 -5.35 15.06
C LEU C 191 -24.29 -5.84 15.20
N SER C 192 -24.50 -6.98 15.85
CA SER C 192 -25.83 -7.62 15.88
C SER C 192 -26.35 -7.90 14.48
N MET C 193 -25.52 -8.58 13.68
CA MET C 193 -25.94 -9.00 12.37
C MET C 193 -27.13 -9.96 12.48
N PRO C 194 -28.13 -9.84 11.61
CA PRO C 194 -29.32 -10.65 11.75
C PRO C 194 -29.09 -12.04 11.22
N VAL D 5 -47.41 12.28 6.68
CA VAL D 5 -46.53 11.88 7.82
C VAL D 5 -45.22 12.61 7.71
N LYS D 6 -44.70 13.06 8.86
N LYS D 6 -44.67 12.96 8.88
CA LYS D 6 -43.36 13.63 8.95
CA LYS D 6 -43.39 13.62 8.95
C LYS D 6 -42.58 12.95 10.05
C LYS D 6 -42.58 12.96 10.06
N VAL D 7 -41.30 12.75 9.82
CA VAL D 7 -40.43 12.00 10.72
C VAL D 7 -39.36 12.95 11.32
N CYS D 8 -39.12 12.74 12.62
CA CYS D 8 -37.95 13.34 13.32
C CYS D 8 -36.97 12.23 13.66
N LEU D 9 -35.74 12.38 13.18
CA LEU D 9 -34.63 11.53 13.57
C LEU D 9 -33.77 12.33 14.55
N PHE D 10 -33.88 12.02 15.84
CA PHE D 10 -33.02 12.68 16.81
C PHE D 10 -31.57 12.29 16.61
N VAL D 11 -30.68 13.22 16.96
N VAL D 11 -30.69 13.25 16.85
CA VAL D 11 -29.25 12.98 16.78
CA VAL D 11 -29.26 13.00 16.78
C VAL D 11 -28.55 13.79 17.88
C VAL D 11 -28.56 13.79 17.88
N ALA D 12 -27.45 13.22 18.36
CA ALA D 12 -26.61 13.89 19.38
C ALA D 12 -25.16 13.67 18.97
N ASP D 13 -24.24 14.46 19.56
CA ASP D 13 -22.84 14.05 19.47
C ASP D 13 -22.71 12.64 20.02
N GLY D 14 -22.04 11.78 19.25
CA GLY D 14 -21.91 10.40 19.63
C GLY D 14 -22.94 9.45 19.06
N THR D 15 -23.87 9.94 18.24
CA THR D 15 -24.85 9.04 17.61
C THR D 15 -24.15 8.20 16.56
N ASP D 16 -24.56 6.93 16.48
CA ASP D 16 -23.99 6.01 15.52
C ASP D 16 -24.36 6.37 14.07
N GLU D 17 -23.38 6.41 13.19
CA GLU D 17 -23.60 6.76 11.78
C GLU D 17 -24.50 5.77 11.07
N ILE D 18 -24.29 4.47 11.29
CA ILE D 18 -25.06 3.45 10.57
C ILE D 18 -26.54 3.52 10.97
N GLU D 19 -26.78 3.64 12.26
CA GLU D 19 -28.15 3.69 12.75
C GLU D 19 -28.89 4.95 12.35
N PHE D 20 -28.16 6.07 12.23
N PHE D 20 -28.16 6.06 12.14
CA PHE D 20 -28.76 7.26 11.65
CA PHE D 20 -28.78 7.26 11.58
C PHE D 20 -29.11 7.04 10.17
C PHE D 20 -29.11 7.03 10.11
N SER D 21 -28.14 6.60 9.38
N SER D 21 -28.12 6.47 9.41
CA SER D 21 -28.31 6.65 7.93
CA SER D 21 -28.13 6.45 7.96
C SER D 21 -29.37 5.70 7.40
C SER D 21 -29.32 5.68 7.42
N ALA D 22 -29.61 4.55 8.04
CA ALA D 22 -30.58 3.59 7.49
C ALA D 22 -32.01 4.17 7.49
N PRO D 23 -32.57 4.58 8.64
CA PRO D 23 -33.89 5.19 8.58
C PRO D 23 -33.91 6.45 7.74
N TRP D 24 -32.84 7.26 7.80
CA TRP D 24 -32.80 8.47 6.98
C TRP D 24 -32.98 8.12 5.49
N GLY D 25 -32.15 7.20 5.00
CA GLY D 25 -32.21 6.89 3.58
C GLY D 25 -33.49 6.18 3.16
N ILE D 26 -34.07 5.39 4.06
CA ILE D 26 -35.33 4.68 3.77
C ILE D 26 -36.49 5.68 3.66
N PHE D 27 -36.62 6.59 4.63
CA PHE D 27 -37.70 7.57 4.53
C PHE D 27 -37.52 8.51 3.35
N LYS D 28 -36.27 8.90 3.05
CA LYS D 28 -36.03 9.73 1.87
C LYS D 28 -36.47 8.99 0.59
N ARG D 29 -36.14 7.72 0.47
CA ARG D 29 -36.57 6.96 -0.71
C ARG D 29 -38.09 6.86 -0.80
N ALA D 30 -38.77 6.81 0.35
CA ALA D 30 -40.22 6.78 0.43
C ALA D 30 -40.87 8.12 0.14
N GLU D 31 -40.07 9.17 0.00
CA GLU D 31 -40.59 10.51 -0.22
C GLU D 31 -41.47 10.94 0.95
N ILE D 32 -41.07 10.57 2.14
CA ILE D 32 -41.72 10.99 3.38
C ILE D 32 -40.82 12.00 4.05
N PRO D 33 -41.31 13.20 4.34
CA PRO D 33 -40.44 14.21 4.95
C PRO D 33 -39.79 13.73 6.24
N ILE D 34 -38.51 14.03 6.39
CA ILE D 34 -37.74 13.66 7.57
C ILE D 34 -36.78 14.80 7.85
N ASP D 35 -36.70 15.15 9.14
CA ASP D 35 -35.75 16.12 9.66
C ASP D 35 -34.86 15.45 10.68
N SER D 36 -33.59 15.82 10.72
CA SER D 36 -32.74 15.51 11.86
C SER D 36 -32.82 16.64 12.88
N VAL D 37 -32.92 16.25 14.14
CA VAL D 37 -33.11 17.20 15.24
C VAL D 37 -32.03 16.94 16.28
N TYR D 38 -31.09 17.90 16.40
CA TYR D 38 -29.89 17.74 17.20
C TYR D 38 -30.13 18.17 18.65
N VAL D 39 -29.63 17.35 19.56
CA VAL D 39 -29.57 17.64 21.00
C VAL D 39 -28.09 17.73 21.37
N GLY D 40 -27.56 18.94 21.54
CA GLY D 40 -26.16 19.09 21.84
C GLY D 40 -25.72 20.53 21.93
N GLU D 41 -24.40 20.64 22.13
N GLU D 41 -24.45 20.81 22.12
CA GLU D 41 -23.73 21.85 22.53
CA GLU D 41 -24.10 22.18 22.39
C GLU D 41 -23.43 22.80 21.36
C GLU D 41 -23.84 23.01 21.14
N ASN D 42 -23.39 22.34 20.10
CA ASN D 42 -22.89 23.17 18.99
C ASN D 42 -23.97 24.09 18.38
N LYS D 43 -23.65 25.34 18.26
CA LYS D 43 -24.63 26.33 17.87
C LYS D 43 -24.90 26.41 16.38
N ASP D 44 -24.11 25.70 15.58
CA ASP D 44 -24.31 25.63 14.14
C ASP D 44 -24.98 24.33 13.69
N ARG D 45 -25.45 23.53 14.64
CA ARG D 45 -26.04 22.24 14.34
C ARG D 45 -25.06 21.28 13.68
N LEU D 46 -23.78 21.43 14.01
N LEU D 46 -23.77 21.44 13.94
CA LEU D 46 -22.76 20.51 13.51
CA LEU D 46 -22.77 20.51 13.42
C LEU D 46 -22.53 19.42 14.53
C LEU D 46 -22.54 19.42 14.48
N VAL D 47 -22.68 18.16 14.11
CA VAL D 47 -22.64 17.01 14.97
C VAL D 47 -21.38 16.21 14.72
N LYS D 48 -20.74 15.73 15.79
CA LYS D 48 -19.67 14.76 15.67
C LYS D 48 -20.24 13.40 16.06
N MET D 49 -20.38 12.52 15.08
CA MET D 49 -21.01 11.23 15.28
C MET D 49 -20.10 10.26 16.05
N SER D 50 -20.64 9.11 16.42
CA SER D 50 -19.93 8.13 17.22
C SER D 50 -18.54 7.81 16.69
N ARG D 51 -18.47 7.57 15.38
N ARG D 51 -18.45 7.60 15.39
CA ARG D 51 -17.24 7.20 14.70
CA ARG D 51 -17.20 7.21 14.75
C ARG D 51 -16.64 8.35 13.89
C ARG D 51 -16.66 8.35 13.87
N ASP D 52 -16.88 9.58 14.35
CA ASP D 52 -16.15 10.75 13.93
C ASP D 52 -16.64 11.42 12.64
N VAL D 53 -17.71 10.97 12.02
CA VAL D 53 -18.30 11.77 10.95
C VAL D 53 -18.76 13.11 11.53
N GLU D 54 -18.49 14.17 10.78
CA GLU D 54 -19.00 15.50 11.10
C GLU D 54 -20.06 15.88 10.08
N MET D 55 -21.27 16.09 10.56
N MET D 55 -21.31 15.99 10.57
CA MET D 55 -22.32 16.40 9.63
CA MET D 55 -22.54 16.16 9.74
C MET D 55 -23.29 17.25 10.35
C MET D 55 -23.41 17.30 10.28
N TYR D 56 -23.93 18.04 9.57
N TYR D 56 -24.15 18.03 9.40
CA TYR D 56 -24.94 18.90 10.11
CA TYR D 56 -25.18 18.99 9.87
C TYR D 56 -26.26 18.19 10.38
C TYR D 56 -26.48 18.32 10.18
N ALA D 57 -27.04 18.73 11.31
CA ALA D 57 -28.46 18.42 11.54
C ALA D 57 -29.34 19.52 10.96
N ASN D 58 -30.59 19.20 10.64
CA ASN D 58 -31.47 20.20 10.09
C ASN D 58 -31.92 21.23 11.11
N ARG D 59 -32.13 20.78 12.34
CA ARG D 59 -32.69 21.62 13.39
C ARG D 59 -32.00 21.32 14.71
N SER D 60 -32.13 22.26 15.67
CA SER D 60 -31.85 22.00 17.07
C SER D 60 -33.17 21.74 17.80
N TYR D 61 -33.14 20.85 18.79
CA TYR D 61 -34.32 20.63 19.63
C TYR D 61 -34.79 21.90 20.32
N LYS D 62 -33.89 22.86 20.56
CA LYS D 62 -34.24 24.09 21.22
C LYS D 62 -35.22 24.93 20.42
N GLU D 63 -35.43 24.60 19.15
CA GLU D 63 -36.41 25.29 18.31
C GLU D 63 -37.85 24.89 18.64
N ILE D 64 -38.02 23.83 19.41
CA ILE D 64 -39.34 23.23 19.63
C ILE D 64 -39.65 23.35 21.13
N PRO D 65 -40.76 24.02 21.49
CA PRO D 65 -40.91 24.42 22.87
C PRO D 65 -41.41 23.34 23.84
N SER D 66 -42.08 22.31 23.34
CA SER D 66 -42.69 21.31 24.21
C SER D 66 -42.93 20.08 23.38
N ALA D 67 -43.21 18.98 24.08
CA ALA D 67 -43.62 17.75 23.41
C ALA D 67 -44.96 17.90 22.68
N ASP D 68 -45.90 18.68 23.22
CA ASP D 68 -47.15 18.92 22.52
C ASP D 68 -46.91 19.68 21.20
N ASP D 69 -45.97 20.62 21.20
N ASP D 69 -45.97 20.62 21.18
CA ASP D 69 -45.65 21.31 19.96
CA ASP D 69 -45.71 21.30 19.91
C ASP D 69 -44.97 20.37 18.96
C ASP D 69 -44.91 20.42 18.92
N PHE D 70 -44.04 19.58 19.47
CA PHE D 70 -43.36 18.59 18.65
C PHE D 70 -44.36 17.72 17.95
N ALA D 71 -45.39 17.29 18.68
CA ALA D 71 -46.40 16.41 18.12
C ALA D 71 -47.24 17.01 17.00
N LYS D 72 -47.32 18.34 16.95
N LYS D 72 -47.34 18.33 16.94
CA LYS D 72 -47.94 19.00 15.82
CA LYS D 72 -47.94 19.00 15.79
C LYS D 72 -47.07 19.07 14.60
C LYS D 72 -47.07 18.99 14.56
N GLN D 73 -45.78 18.77 14.77
CA GLN D 73 -44.79 18.89 13.71
C GLN D 73 -44.40 17.53 13.14
N TYR D 74 -44.43 16.49 13.98
CA TYR D 74 -43.91 15.19 13.60
C TYR D 74 -44.86 14.09 14.02
N ASP D 75 -44.83 13.00 13.27
CA ASP D 75 -45.59 11.79 13.56
C ASP D 75 -44.76 10.61 14.02
N ILE D 76 -43.48 10.59 13.66
CA ILE D 76 -42.58 9.50 14.06
C ILE D 76 -41.38 10.14 14.71
N ALA D 77 -41.00 9.61 15.87
CA ALA D 77 -39.76 10.02 16.58
C ALA D 77 -38.81 8.85 16.63
N ILE D 78 -37.59 9.05 16.16
CA ILE D 78 -36.59 7.98 16.12
C ILE D 78 -35.41 8.37 16.99
N ILE D 79 -35.06 7.49 17.93
N ILE D 79 -34.98 7.41 17.81
CA ILE D 79 -33.87 7.64 18.82
CA ILE D 79 -33.86 7.54 18.74
C ILE D 79 -32.84 6.57 18.44
C ILE D 79 -32.83 6.51 18.36
N PRO D 80 -31.77 6.96 17.71
CA PRO D 80 -30.69 6.05 17.36
C PRO D 80 -29.75 5.81 18.53
N GLY D 81 -28.80 4.90 18.30
CA GLY D 81 -27.87 4.48 19.32
C GLY D 81 -26.47 5.02 19.12
N GLY D 82 -25.48 4.23 19.51
CA GLY D 82 -24.14 4.71 19.82
C GLY D 82 -24.07 5.03 21.29
N GLY D 83 -23.01 4.61 21.99
CA GLY D 83 -23.04 4.74 23.44
C GLY D 83 -23.24 6.17 23.92
N LEU D 84 -22.41 7.09 23.43
CA LEU D 84 -22.51 8.47 23.88
C LEU D 84 -23.81 9.11 23.42
N GLY D 85 -24.16 8.93 22.15
CA GLY D 85 -25.38 9.56 21.66
C GLY D 85 -26.63 9.10 22.40
N ALA D 86 -26.70 7.80 22.67
CA ALA D 86 -27.85 7.26 23.39
C ALA D 86 -27.85 7.73 24.83
N LYS D 87 -26.67 7.86 25.45
CA LYS D 87 -26.62 8.36 26.83
C LYS D 87 -27.23 9.76 26.85
N THR D 88 -26.82 10.63 25.92
CA THR D 88 -27.35 11.98 25.87
C THR D 88 -28.85 11.97 25.57
N LEU D 89 -29.26 11.32 24.50
CA LEU D 89 -30.67 11.40 24.11
C LEU D 89 -31.58 10.81 25.21
N SER D 90 -31.22 9.67 25.74
CA SER D 90 -32.10 9.01 26.71
C SER D 90 -32.26 9.78 27.97
N THR D 91 -31.28 10.64 28.29
CA THR D 91 -31.33 11.44 29.52
C THR D 91 -31.75 12.88 29.27
N THR D 92 -32.25 13.19 28.08
CA THR D 92 -32.72 14.53 27.76
C THR D 92 -34.22 14.62 28.09
N PRO D 93 -34.63 15.50 29.02
CA PRO D 93 -36.07 15.55 29.37
C PRO D 93 -36.99 15.73 28.18
N PHE D 94 -36.61 16.60 27.23
CA PHE D 94 -37.45 16.81 26.05
C PHE D 94 -37.71 15.51 25.29
N VAL D 95 -36.65 14.73 25.10
CA VAL D 95 -36.80 13.46 24.37
C VAL D 95 -37.72 12.52 25.13
N GLN D 96 -37.52 12.42 26.43
CA GLN D 96 -38.42 11.59 27.25
C GLN D 96 -39.87 12.04 27.14
N GLN D 97 -40.07 13.36 27.16
CA GLN D 97 -41.41 13.92 27.06
C GLN D 97 -42.10 13.63 25.72
N VAL D 98 -41.32 13.70 24.63
CA VAL D 98 -41.81 13.34 23.32
C VAL D 98 -42.23 11.88 23.33
N VAL D 99 -41.34 11.01 23.81
CA VAL D 99 -41.61 9.57 23.80
C VAL D 99 -42.88 9.26 24.61
N LYS D 100 -42.98 9.81 25.81
N LYS D 100 -43.03 9.88 25.77
CA LYS D 100 -44.19 9.65 26.61
CA LYS D 100 -44.19 9.60 26.61
C LYS D 100 -45.41 10.08 25.83
C LYS D 100 -45.48 10.18 26.02
N GLU D 101 -45.37 11.29 25.27
CA GLU D 101 -46.50 11.84 24.53
C GLU D 101 -46.93 10.96 23.37
N PHE D 102 -45.95 10.41 22.66
CA PHE D 102 -46.26 9.62 21.47
C PHE D 102 -46.79 8.23 21.81
N TYR D 103 -46.39 7.66 22.93
CA TYR D 103 -46.68 6.23 23.19
C TYR D 103 -48.19 5.97 23.16
N LYS D 104 -48.58 4.95 22.39
CA LYS D 104 -49.97 4.53 22.22
C LYS D 104 -50.87 5.51 21.47
N LYS D 105 -50.36 6.60 20.91
CA LYS D 105 -51.21 7.45 20.05
C LYS D 105 -51.50 6.66 18.73
N PRO D 106 -52.77 6.63 18.31
N PRO D 106 -52.68 6.92 18.13
CA PRO D 106 -53.10 6.18 16.96
CA PRO D 106 -53.00 6.10 16.97
C PRO D 106 -52.07 6.61 15.93
C PRO D 106 -52.46 6.60 15.64
N ASN D 107 -51.88 7.92 15.89
N ASN D 107 -51.81 7.72 15.58
CA ASN D 107 -51.29 8.53 14.67
CA ASN D 107 -51.10 7.90 14.31
C ASN D 107 -49.85 8.92 14.87
C ASN D 107 -49.73 8.50 14.57
N LYS D 108 -49.17 8.14 15.73
CA LYS D 108 -47.75 8.39 16.01
C LYS D 108 -47.01 7.06 16.14
N TRP D 109 -45.70 7.09 15.88
N TRP D 109 -45.68 7.13 16.01
CA TRP D 109 -44.85 5.94 16.16
CA TRP D 109 -44.82 5.94 16.09
C TRP D 109 -43.55 6.41 16.81
C TRP D 109 -43.49 6.36 16.68
N ILE D 110 -42.90 5.47 17.48
CA ILE D 110 -41.58 5.67 18.11
C ILE D 110 -40.67 4.57 17.66
N GLY D 111 -39.46 4.90 17.24
CA GLY D 111 -38.44 3.91 17.00
C GLY D 111 -37.23 4.15 17.87
N MET D 112 -36.68 3.08 18.43
CA MET D 112 -35.41 3.15 19.18
C MET D 112 -34.50 2.03 18.74
N ILE D 113 -33.23 2.32 18.51
CA ILE D 113 -32.27 1.28 18.12
C ILE D 113 -31.03 1.25 19.03
N CSD D 114 -30.48 0.04 19.32
CA CSD D 114 -29.24 -0.18 20.05
CB CSD D 114 -28.04 0.31 19.19
SG CSD D 114 -26.36 0.18 19.69
C CSD D 114 -29.39 0.34 21.47
O CSD D 114 -30.35 0.02 22.15
OD1 CSD D 114 -25.59 0.21 18.39
OD2 CSD D 114 -26.11 1.49 20.39
N ALA D 115 -28.47 1.20 21.90
CA ALA D 115 -28.57 1.79 23.24
C ALA D 115 -29.65 2.86 23.30
N GLY D 116 -30.14 3.33 22.17
CA GLY D 116 -31.24 4.27 22.21
C GLY D 116 -32.48 3.69 22.88
N THR D 117 -32.59 2.36 22.90
CA THR D 117 -33.70 1.67 23.57
C THR D 117 -33.76 1.95 25.07
N LEU D 118 -32.66 2.43 25.69
CA LEU D 118 -32.70 2.87 27.07
C LEU D 118 -33.75 3.97 27.29
N THR D 119 -34.10 4.67 26.23
CA THR D 119 -35.09 5.73 26.32
C THR D 119 -36.47 5.20 26.73
N ALA D 120 -36.78 3.94 26.42
CA ALA D 120 -38.01 3.37 26.92
C ALA D 120 -38.04 3.38 28.45
N LYS D 121 -36.93 2.92 29.03
CA LYS D 121 -36.73 2.85 30.46
C LYS D 121 -36.75 4.25 31.07
N THR D 122 -36.00 5.19 30.50
CA THR D 122 -35.91 6.52 31.11
C THR D 122 -37.20 7.35 30.94
N SER D 123 -38.06 6.96 30.00
CA SER D 123 -39.35 7.60 29.79
C SER D 123 -40.48 6.86 30.51
N GLY D 124 -40.18 5.76 31.20
CA GLY D 124 -41.18 5.01 31.96
C GLY D 124 -42.22 4.35 31.08
N LEU D 125 -41.86 3.93 29.88
CA LEU D 125 -42.87 3.29 29.02
C LEU D 125 -43.28 1.93 29.58
N PRO D 126 -44.59 1.63 29.55
CA PRO D 126 -45.06 0.39 30.16
C PRO D 126 -45.17 -0.83 29.21
N ASN D 127 -44.58 -0.76 28.03
CA ASN D 127 -44.58 -1.94 27.15
C ASN D 127 -43.95 -3.13 27.87
N LYS D 128 -44.41 -4.33 27.52
N LYS D 128 -44.46 -4.32 27.52
CA LYS D 128 -43.93 -5.52 28.19
CA LYS D 128 -44.02 -5.56 28.13
C LYS D 128 -42.69 -6.17 27.57
C LYS D 128 -42.68 -6.08 27.56
N GLN D 129 -42.55 -6.04 26.23
CA GLN D 129 -41.48 -6.72 25.47
C GLN D 129 -40.67 -5.67 24.72
N ILE D 130 -39.40 -6.00 24.45
CA ILE D 130 -38.50 -5.04 23.85
C ILE D 130 -37.32 -5.81 23.26
N THR D 131 -36.52 -5.14 22.42
CA THR D 131 -35.17 -5.57 22.20
C THR D 131 -34.27 -4.33 22.23
N GLY D 132 -32.97 -4.59 22.09
CA GLY D 132 -31.95 -3.54 22.09
C GLY D 132 -30.61 -4.18 21.94
N HIS D 133 -29.54 -3.38 22.03
CA HIS D 133 -28.21 -3.96 21.83
C HIS D 133 -27.96 -4.95 22.98
N PRO D 134 -27.22 -6.03 22.72
CA PRO D 134 -26.90 -6.92 23.84
C PRO D 134 -26.24 -6.24 25.05
N SER D 135 -25.50 -5.14 24.84
CA SER D 135 -24.84 -4.42 25.94
C SER D 135 -25.84 -3.79 26.88
N VAL D 136 -27.08 -3.58 26.45
CA VAL D 136 -28.11 -3.02 27.32
C VAL D 136 -29.18 -4.01 27.75
N ARG D 137 -29.07 -5.30 27.40
CA ARG D 137 -30.10 -6.28 27.78
C ARG D 137 -30.35 -6.29 29.27
N GLY D 138 -29.28 -6.35 30.09
CA GLY D 138 -29.44 -6.40 31.53
C GLY D 138 -30.12 -5.17 32.08
N GLN D 139 -29.75 -4.02 31.54
CA GLN D 139 -30.38 -2.74 31.90
C GLN D 139 -31.87 -2.75 31.56
N LEU D 140 -32.20 -3.24 30.38
CA LEU D 140 -33.60 -3.28 29.97
C LEU D 140 -34.43 -4.26 30.83
N GLU D 141 -33.88 -5.44 31.09
CA GLU D 141 -34.60 -6.45 31.87
C GLU D 141 -34.80 -6.02 33.30
N GLU D 142 -33.84 -5.26 33.82
CA GLU D 142 -33.97 -4.74 35.18
C GLU D 142 -35.06 -3.67 35.24
N GLY D 143 -35.42 -3.15 34.07
CA GLY D 143 -36.55 -2.25 33.93
C GLY D 143 -37.88 -2.89 33.72
N GLY D 144 -37.92 -4.21 33.77
CA GLY D 144 -39.18 -4.93 33.66
C GLY D 144 -39.57 -5.31 32.26
N TYR D 145 -38.70 -5.04 31.28
CA TYR D 145 -38.98 -5.48 29.92
C TYR D 145 -38.54 -6.92 29.70
N LYS D 146 -39.40 -7.74 29.08
N LYS D 146 -39.31 -7.62 28.88
CA LYS D 146 -38.98 -9.03 28.48
CA LYS D 146 -38.95 -8.95 28.50
C LYS D 146 -38.14 -8.70 27.25
C LYS D 146 -38.18 -8.85 27.19
N TYR D 147 -36.87 -9.11 27.26
CA TYR D 147 -35.98 -8.90 26.12
C TYR D 147 -36.11 -10.06 25.14
N LEU D 148 -36.34 -9.74 23.88
CA LEU D 148 -36.39 -10.72 22.80
C LEU D 148 -35.11 -10.58 21.98
N ASP D 149 -34.41 -11.70 21.79
CA ASP D 149 -33.20 -11.72 20.97
C ASP D 149 -33.56 -11.92 19.51
N GLN D 150 -33.96 -10.83 18.89
CA GLN D 150 -34.31 -10.83 17.48
C GLN D 150 -34.12 -9.42 16.96
N PRO D 151 -34.05 -9.26 15.64
CA PRO D 151 -33.59 -7.96 15.15
C PRO D 151 -34.48 -6.78 15.47
N VAL D 152 -35.79 -7.00 15.41
CA VAL D 152 -36.77 -5.91 15.55
C VAL D 152 -37.93 -6.43 16.39
N VAL D 153 -38.41 -5.60 17.31
CA VAL D 153 -39.61 -5.87 18.08
C VAL D 153 -40.59 -4.72 17.93
N LEU D 154 -41.87 -5.02 17.78
CA LEU D 154 -42.93 -4.02 17.78
C LEU D 154 -43.89 -4.33 18.91
N GLU D 155 -44.19 -3.34 19.74
CA GLU D 155 -45.28 -3.47 20.71
C GLU D 155 -45.97 -2.15 20.77
N GLU D 156 -47.31 -2.16 20.69
CA GLU D 156 -48.04 -0.93 20.53
C GLU D 156 -47.49 -0.16 19.36
N ASN D 157 -47.06 1.08 19.57
CA ASN D 157 -46.45 1.86 18.50
C ASN D 157 -44.97 2.12 18.74
N LEU D 158 -44.35 1.22 19.49
CA LEU D 158 -42.89 1.28 19.79
C LEU D 158 -42.19 0.18 19.04
N ILE D 159 -41.34 0.60 18.08
N ILE D 159 -41.21 0.57 18.24
CA ILE D 159 -40.41 -0.28 17.34
CA ILE D 159 -40.40 -0.36 17.47
C ILE D 159 -39.02 -0.21 18.00
C ILE D 159 -38.99 -0.23 17.97
N THR D 160 -38.45 -1.34 18.44
CA THR D 160 -37.08 -1.39 18.95
C THR D 160 -36.24 -2.34 18.15
N SER D 161 -34.92 -2.15 18.17
CA SER D 161 -34.04 -2.94 17.36
C SER D 161 -32.65 -3.00 17.97
N GLN D 162 -31.82 -3.94 17.50
CA GLN D 162 -30.61 -4.31 18.21
C GLN D 162 -29.36 -3.51 17.92
N GLY D 163 -29.02 -3.18 16.70
CA GLY D 163 -27.66 -2.68 16.45
C GLY D 163 -27.46 -2.25 15.03
N PRO D 164 -26.22 -1.91 14.68
CA PRO D 164 -25.96 -1.44 13.33
C PRO D 164 -26.41 -2.45 12.27
N GLY D 165 -26.21 -3.72 12.53
CA GLY D 165 -26.59 -4.75 11.62
C GLY D 165 -28.08 -4.88 11.36
N THR D 166 -28.91 -4.35 12.25
CA THR D 166 -30.38 -4.41 12.13
C THR D 166 -30.98 -3.06 11.74
N ALA D 167 -30.15 -2.06 11.43
CA ALA D 167 -30.67 -0.72 11.19
C ALA D 167 -31.57 -0.66 9.95
N MET D 168 -31.23 -1.39 8.89
CA MET D 168 -32.10 -1.42 7.70
C MET D 168 -33.45 -2.06 8.03
N LEU D 169 -33.43 -3.20 8.71
CA LEU D 169 -34.68 -3.86 9.12
C LEU D 169 -35.53 -2.94 10.00
N PHE D 170 -34.88 -2.20 10.90
CA PHE D 170 -35.52 -1.24 11.76
C PHE D 170 -36.20 -0.13 10.98
N GLY D 171 -35.47 0.48 10.06
CA GLY D 171 -36.04 1.54 9.25
C GLY D 171 -37.24 1.03 8.44
N LEU D 172 -37.11 -0.18 7.90
CA LEU D 172 -38.20 -0.75 7.14
C LEU D 172 -39.43 -1.00 8.01
N LYS D 173 -39.23 -1.45 9.24
CA LYS D 173 -40.40 -1.70 10.12
C LYS D 173 -41.14 -0.41 10.41
N LEU D 174 -40.40 0.66 10.63
CA LEU D 174 -41.02 1.98 10.78
C LEU D 174 -41.78 2.38 9.53
N LEU D 175 -41.14 2.26 8.36
CA LEU D 175 -41.80 2.61 7.11
C LEU D 175 -43.10 1.81 6.93
N GLU D 176 -43.05 0.54 7.29
CA GLU D 176 -44.19 -0.35 7.07
C GLU D 176 -45.44 0.20 7.76
N GLN D 177 -45.28 0.93 8.88
CA GLN D 177 -46.43 1.43 9.63
C GLN D 177 -47.19 2.54 8.96
N VAL D 178 -46.53 3.27 8.05
CA VAL D 178 -47.07 4.49 7.46
C VAL D 178 -47.14 4.49 5.94
N ALA D 179 -46.48 3.60 5.25
CA ALA D 179 -46.52 3.56 3.80
C ALA D 179 -47.65 2.68 3.32
N SER D 180 -48.19 2.98 2.15
CA SER D 180 -49.04 2.01 1.48
C SER D 180 -48.25 0.74 1.22
N LYS D 181 -48.97 -0.35 0.95
CA LYS D 181 -48.30 -1.58 0.59
C LYS D 181 -47.46 -1.38 -0.66
N ASP D 182 -48.00 -0.67 -1.65
CA ASP D 182 -47.26 -0.47 -2.89
C ASP D 182 -45.99 0.35 -2.67
N LYS D 183 -46.07 1.40 -1.86
N LYS D 183 -46.09 1.41 -1.87
CA LYS D 183 -44.87 2.20 -1.61
CA LYS D 183 -44.91 2.23 -1.58
C LYS D 183 -43.85 1.39 -0.81
C LYS D 183 -43.87 1.42 -0.81
N TYR D 184 -44.32 0.71 0.22
CA TYR D 184 -43.40 -0.12 1.00
C TYR D 184 -42.67 -1.11 0.10
N ASN D 185 -43.43 -1.84 -0.72
CA ASN D 185 -42.83 -2.85 -1.58
C ASN D 185 -41.82 -2.24 -2.52
N ALA D 186 -42.16 -1.09 -3.10
CA ALA D 186 -41.23 -0.46 -4.05
C ALA D 186 -39.94 -0.03 -3.34
N VAL D 187 -40.06 0.57 -2.19
CA VAL D 187 -38.86 0.97 -1.46
C VAL D 187 -38.06 -0.25 -1.08
N TYR D 188 -38.72 -1.25 -0.52
CA TYR D 188 -38.04 -2.49 -0.13
C TYR D 188 -37.21 -3.07 -1.28
N LYS D 189 -37.84 -3.22 -2.44
CA LYS D 189 -37.19 -3.87 -3.56
C LYS D 189 -35.97 -3.09 -4.06
N SER D 190 -36.03 -1.77 -3.90
CA SER D 190 -34.94 -0.91 -4.35
C SER D 190 -33.67 -1.06 -3.52
N LEU D 191 -33.76 -1.67 -2.34
CA LEU D 191 -32.63 -1.71 -1.39
C LEU D 191 -31.69 -2.86 -1.62
N SER D 192 -32.11 -3.88 -2.36
CA SER D 192 -31.32 -5.12 -2.50
C SER D 192 -31.05 -5.75 -1.14
N MET D 193 -32.13 -5.93 -0.36
CA MET D 193 -32.03 -6.62 0.89
C MET D 193 -31.56 -8.03 0.70
N PRO D 194 -30.62 -8.51 1.52
CA PRO D 194 -30.07 -9.85 1.35
C PRO D 194 -30.97 -10.93 1.81
C1 EDO E . 8.17 -4.10 -2.86
O1 EDO E . 8.71 -3.04 -2.16
C2 EDO E . 9.10 -5.22 -3.38
O2 EDO E . 9.79 -5.72 -2.32
C1 EDO F . 3.63 -29.67 1.98
O1 EDO F . 2.78 -28.52 2.03
C2 EDO F . 4.28 -29.99 3.31
O2 EDO F . 5.50 -29.25 3.47
C1 EDO G . 26.46 -9.91 6.24
O1 EDO G . 25.75 -9.43 7.36
C2 EDO G . 25.98 -8.98 5.15
O2 EDO G . 27.02 -8.78 4.25
MG MG H . 0.74 10.16 7.65
C1 EDO I . -15.70 11.61 7.67
O1 EDO I . -16.24 11.75 6.42
C2 EDO I . -15.68 13.00 8.35
O2 EDO I . -16.92 13.63 8.44
C1 EDO J . -24.05 10.01 6.23
O1 EDO J . -25.19 9.50 6.85
C2 EDO J . -22.60 9.70 6.62
O2 EDO J . -22.37 9.01 7.85
C1 EDO K . -29.57 7.04 -6.69
O1 EDO K . -29.78 8.40 -6.28
C2 EDO K . -29.30 6.05 -5.53
O2 EDO K . -30.05 5.72 -4.40
MG MG L . -32.02 -10.18 -3.98
MG MG M . -3.36 -14.84 -8.42
MG MG N . 3.83 1.98 -12.53
C1 EDO O . -28.68 17.23 7.24
O1 EDO O . -27.29 17.13 7.03
C2 EDO O . -29.42 15.93 7.65
O2 EDO O . -29.04 15.58 8.96
C1 EDO P . -23.96 0.71 22.71
O1 EDO P . -24.32 0.42 24.11
C2 EDO P . -22.43 0.66 22.43
O2 EDO P . -21.73 -0.68 22.50
MG MG Q . -42.06 -7.28 32.74
#